data_5WS1
#
_entry.id   5WS1
#
_cell.length_a   48.710
_cell.length_b   91.870
_cell.length_c   162.230
_cell.angle_alpha   90.00
_cell.angle_beta   90.00
_cell.angle_gamma   90.00
#
_symmetry.space_group_name_H-M   'P 21 21 21'
#
loop_
_entity.id
_entity.type
_entity.pdbx_description
1 polymer 'Poly [ADP-ribose] polymerase 1'
2 non-polymer 2-[(3R)-3-azanylpyrrolidin-1-yl]carbonyl-1H-benzimidazole-4-carboxamide
#
_entity_poly.entity_id   1
_entity_poly.type   'polypeptide(L)'
_entity_poly.pdbx_seq_one_letter_code
;HMKSKLPKPVQDLIKMIFDVESMKKAMVEYEIDLQKMPLGKLSKRQIQAAYSILSEVQQAVSQGSSDSQILDLSNRFYTL
IPHDFGMKKPPLLNNADSVQAKAEMLDNLLDIEVAYSLLRGGSDDSSKDPIDVNYEKLKTDIKVVDRDSEEAEIIRKYVK
NTHATTHNAYDLEVIDIFKIEREGECQRYKPFKQLHNRRLLWHGSRTTNFAGILSQGLRIAPPEAPVTGYMFGKGIYFAD
MVSKSANYCHTSQGDPIGLILLGEVALGNMYELKHASHISKLPKGKHSVKGLGKTTPDPSANISLDGVDVPLGTGISSGV
NDTSLLYNEYIVYDIAQVNLKYLLKLKFNFKT
;
_entity_poly.pdbx_strand_id   A,B
#
# COMPACT_ATOMS: atom_id res chain seq x y z
N HIS A 1 -41.43 -13.13 34.14
CA HIS A 1 -40.49 -14.26 33.83
C HIS A 1 -39.95 -14.92 35.09
N MET A 2 -39.17 -16.00 34.92
CA MET A 2 -38.42 -16.61 36.05
C MET A 2 -37.38 -15.60 36.64
N LYS A 3 -36.85 -14.68 35.82
CA LYS A 3 -35.74 -13.74 36.19
C LYS A 3 -34.43 -14.50 36.04
N SER A 4 -33.47 -13.96 35.30
CA SER A 4 -32.20 -14.71 34.97
C SER A 4 -31.35 -15.09 36.18
N LYS A 5 -30.80 -16.29 36.13
CA LYS A 5 -29.86 -16.75 37.11
C LYS A 5 -28.41 -16.39 36.73
N LEU A 6 -28.19 -15.75 35.56
CA LEU A 6 -26.85 -15.40 35.14
C LEU A 6 -26.25 -14.41 36.12
N PRO A 7 -24.93 -14.45 36.30
CA PRO A 7 -24.37 -13.38 37.13
C PRO A 7 -24.64 -11.98 36.60
N LYS A 8 -24.71 -11.01 37.49
CA LYS A 8 -25.09 -9.64 37.12
C LYS A 8 -24.14 -9.06 36.03
N PRO A 9 -22.82 -9.28 36.17
CA PRO A 9 -21.94 -8.75 35.10
C PRO A 9 -22.22 -9.34 33.72
N VAL A 10 -22.56 -10.62 33.65
CA VAL A 10 -22.94 -11.26 32.38
C VAL A 10 -24.27 -10.69 31.87
N GLN A 11 -25.24 -10.52 32.77
CA GLN A 11 -26.48 -9.89 32.34
C GLN A 11 -26.26 -8.47 31.76
N ASP A 12 -25.35 -7.69 32.37
CA ASP A 12 -25.13 -6.33 31.93
C ASP A 12 -24.43 -6.35 30.59
N LEU A 13 -23.57 -7.35 30.36
CA LEU A 13 -22.90 -7.50 29.05
C LEU A 13 -23.91 -7.75 27.94
N ILE A 14 -24.80 -8.73 28.17
CA ILE A 14 -25.89 -9.03 27.24
C ILE A 14 -26.77 -7.81 26.94
N LYS A 15 -27.18 -7.09 27.96
CA LYS A 15 -27.90 -5.80 27.78
C LYS A 15 -27.16 -4.82 26.85
N MET A 16 -25.86 -4.63 27.05
CA MET A 16 -25.09 -3.64 26.30
C MET A 16 -24.94 -4.02 24.81
N ILE A 17 -24.63 -5.27 24.58
CA ILE A 17 -24.37 -5.73 23.20
C ILE A 17 -25.60 -5.91 22.34
N PHE A 18 -26.78 -6.12 22.98
CA PHE A 18 -28.01 -6.17 22.23
C PHE A 18 -28.84 -4.89 22.35
N ASP A 19 -28.26 -3.79 22.83
CA ASP A 19 -29.01 -2.51 22.90
C ASP A 19 -29.35 -1.91 21.51
N VAL A 20 -30.63 -1.97 21.14
CA VAL A 20 -31.08 -1.47 19.87
C VAL A 20 -30.83 0.03 19.68
N GLU A 21 -30.98 0.83 20.75
CA GLU A 21 -30.70 2.27 20.62
C GLU A 21 -29.23 2.57 20.38
N SER A 22 -28.34 1.77 20.95
CA SER A 22 -26.94 1.92 20.63
C SER A 22 -26.63 1.62 19.15
N MET A 23 -27.31 0.61 18.59
CA MET A 23 -27.19 0.31 17.19
C MET A 23 -27.65 1.48 16.38
N LYS A 24 -28.83 2.03 16.70
CA LYS A 24 -29.27 3.24 16.01
C LYS A 24 -28.34 4.42 16.15
N LYS A 25 -27.85 4.68 17.36
CA LYS A 25 -26.81 5.72 17.58
C LYS A 25 -25.56 5.56 16.69
N ALA A 26 -24.98 4.37 16.62
CA ALA A 26 -23.88 4.12 15.72
C ALA A 26 -24.17 4.44 14.26
N MET A 27 -25.35 4.07 13.77
CA MET A 27 -25.77 4.45 12.39
C MET A 27 -25.93 5.97 12.15
N VAL A 28 -26.45 6.68 13.13
CA VAL A 28 -26.40 8.14 13.03
C VAL A 28 -24.95 8.69 13.12
N GLU A 29 -24.08 8.10 13.95
CA GLU A 29 -22.63 8.39 13.97
C GLU A 29 -21.93 8.18 12.62
N TYR A 30 -22.58 7.42 11.73
CA TYR A 30 -22.07 7.18 10.39
C TYR A 30 -22.66 7.99 9.27
N GLU A 31 -23.57 8.90 9.64
CA GLU A 31 -24.33 9.80 8.78
C GLU A 31 -25.41 9.12 7.96
N ILE A 32 -25.79 7.92 8.38
CA ILE A 32 -26.83 7.19 7.68
C ILE A 32 -28.17 7.84 7.93
N ASP A 33 -28.99 7.84 6.89
CA ASP A 33 -30.35 8.29 6.96
C ASP A 33 -31.23 7.14 7.48
N LEU A 34 -31.54 7.16 8.78
CA LEU A 34 -32.51 6.18 9.35
C LEU A 34 -33.95 6.18 8.85
N GLN A 35 -34.45 7.29 8.31
CA GLN A 35 -35.72 7.27 7.54
C GLN A 35 -35.57 6.42 6.25
N LYS A 36 -34.43 6.48 5.58
CA LYS A 36 -34.25 5.73 4.34
C LYS A 36 -33.61 4.35 4.55
N MET A 37 -32.84 4.19 5.61
CA MET A 37 -32.12 2.91 5.89
C MET A 37 -32.25 2.64 7.37
N PRO A 38 -33.47 2.36 7.80
CA PRO A 38 -33.62 2.04 9.22
C PRO A 38 -32.94 0.72 9.53
N LEU A 39 -32.76 0.51 10.81
CA LEU A 39 -32.08 -0.67 11.30
C LEU A 39 -32.67 -1.95 10.67
N GLY A 40 -34.00 -2.07 10.76
CA GLY A 40 -34.76 -3.20 10.20
C GLY A 40 -34.70 -3.46 8.70
N LYS A 41 -34.22 -2.49 7.94
CA LYS A 41 -34.09 -2.64 6.48
C LYS A 41 -32.68 -2.97 6.00
N LEU A 42 -31.69 -2.87 6.89
CA LEU A 42 -30.34 -3.37 6.55
C LEU A 42 -30.36 -4.81 6.11
N SER A 43 -29.59 -5.15 5.07
CA SER A 43 -29.48 -6.52 4.55
C SER A 43 -28.07 -6.78 4.06
N LYS A 44 -27.67 -8.05 4.12
CA LYS A 44 -26.34 -8.43 3.67
C LYS A 44 -26.09 -8.02 2.21
N ARG A 45 -27.04 -8.31 1.34
CA ARG A 45 -26.85 -8.00 -0.08
C ARG A 45 -26.71 -6.49 -0.34
N GLN A 46 -27.42 -5.64 0.39
CA GLN A 46 -27.23 -4.17 0.20
C GLN A 46 -25.83 -3.69 0.69
N ILE A 47 -25.36 -4.19 1.81
CA ILE A 47 -24.01 -3.90 2.30
C ILE A 47 -22.98 -4.46 1.30
N GLN A 48 -23.19 -5.71 0.87
CA GLN A 48 -22.29 -6.25 -0.16
C GLN A 48 -22.24 -5.42 -1.46
N ALA A 49 -23.38 -4.97 -1.98
CA ALA A 49 -23.40 -4.11 -3.15
C ALA A 49 -22.63 -2.80 -2.87
N ALA A 50 -22.78 -2.27 -1.65
CA ALA A 50 -22.07 -1.04 -1.27
C ALA A 50 -20.56 -1.21 -1.24
N TYR A 51 -20.14 -2.32 -0.65
CA TYR A 51 -18.72 -2.69 -0.70
C TYR A 51 -18.16 -2.70 -2.13
N SER A 52 -18.86 -3.33 -3.07
CA SER A 52 -18.43 -3.33 -4.45
C SER A 52 -18.28 -1.96 -5.10
N ILE A 53 -19.26 -1.10 -4.85
CA ILE A 53 -19.21 0.25 -5.39
C ILE A 53 -18.00 0.97 -4.78
N LEU A 54 -17.72 0.73 -3.50
CA LEU A 54 -16.55 1.33 -2.86
C LEU A 54 -15.27 0.79 -3.49
N SER A 55 -15.27 -0.48 -3.86
CA SER A 55 -14.11 -1.05 -4.61
C SER A 55 -13.98 -0.36 -5.99
N GLU A 56 -15.09 0.02 -6.63
CA GLU A 56 -14.99 0.80 -7.87
C GLU A 56 -14.41 2.18 -7.62
N VAL A 57 -14.91 2.87 -6.58
CA VAL A 57 -14.36 4.17 -6.13
C VAL A 57 -12.85 3.99 -5.88
N GLN A 58 -12.43 2.92 -5.19
CA GLN A 58 -10.97 2.66 -4.95
C GLN A 58 -10.19 2.65 -6.26
N GLN A 59 -10.70 1.88 -7.22
CA GLN A 59 -10.03 1.73 -8.52
C GLN A 59 -9.91 3.08 -9.26
N ALA A 60 -10.94 3.93 -9.20
CA ALA A 60 -10.87 5.28 -9.78
C ALA A 60 -9.83 6.17 -9.09
N VAL A 61 -9.68 6.03 -7.78
CA VAL A 61 -8.69 6.82 -7.01
C VAL A 61 -7.25 6.34 -7.29
N SER A 62 -7.01 5.02 -7.36
CA SER A 62 -5.68 4.48 -7.70
C SER A 62 -5.14 5.07 -9.01
N GLN A 63 -6.00 5.10 -10.03
CA GLN A 63 -5.66 5.67 -11.33
C GLN A 63 -6.09 7.13 -11.63
N GLY A 64 -6.25 7.98 -10.60
CA GLY A 64 -6.68 9.37 -10.80
C GLY A 64 -7.84 9.52 -11.78
N SER A 66 -10.22 11.88 -11.79
CA SER A 66 -10.50 13.29 -11.50
C SER A 66 -11.88 13.45 -10.84
N ASP A 67 -12.15 14.62 -10.27
CA ASP A 67 -13.42 14.83 -9.57
C ASP A 67 -14.68 14.58 -10.44
N SER A 68 -14.65 15.01 -11.71
CA SER A 68 -15.73 14.71 -12.67
C SER A 68 -16.05 13.22 -12.91
N GLN A 69 -15.01 12.43 -13.20
CA GLN A 69 -15.16 10.99 -13.48
C GLN A 69 -15.49 10.18 -12.19
N ILE A 70 -15.05 10.69 -11.03
CA ILE A 70 -15.32 10.10 -9.71
C ILE A 70 -16.78 10.30 -9.29
N LEU A 71 -17.28 11.53 -9.47
CA LEU A 71 -18.62 11.95 -9.08
C LEU A 71 -19.72 10.95 -9.26
N ASP A 72 -19.76 10.31 -10.44
CA ASP A 72 -20.75 9.29 -10.71
C ASP A 72 -20.64 8.13 -9.74
N LEU A 73 -19.41 7.70 -9.46
CA LEU A 73 -19.16 6.53 -8.58
C LEU A 73 -19.47 6.84 -7.15
N SER A 74 -19.19 8.06 -6.76
CA SER A 74 -19.39 8.45 -5.39
C SER A 74 -20.90 8.49 -5.12
N ASN A 75 -21.63 9.14 -6.02
CA ASN A 75 -23.10 9.09 -6.07
C ASN A 75 -23.70 7.67 -5.99
N ARG A 76 -23.09 6.70 -6.69
CA ARG A 76 -23.61 5.34 -6.64
C ARG A 76 -23.51 4.76 -5.26
N PHE A 77 -22.43 5.07 -4.55
CA PHE A 77 -22.31 4.61 -3.16
C PHE A 77 -23.44 5.16 -2.28
N TYR A 78 -23.64 6.47 -2.33
CA TYR A 78 -24.76 7.13 -1.65
C TYR A 78 -26.15 6.66 -2.01
N THR A 79 -26.32 6.18 -3.21
CA THR A 79 -27.57 5.61 -3.62
C THR A 79 -27.86 4.30 -2.85
N LEU A 80 -26.85 3.47 -2.69
CA LEU A 80 -27.03 2.17 -2.02
C LEU A 80 -27.07 2.30 -0.51
N ILE A 81 -26.31 3.24 0.06
CA ILE A 81 -26.37 3.46 1.48
C ILE A 81 -26.82 4.88 1.72
N PRO A 82 -28.12 5.11 1.91
CA PRO A 82 -28.55 6.55 2.09
C PRO A 82 -27.99 7.25 3.34
N HIS A 83 -27.47 8.45 3.08
CA HIS A 83 -26.83 9.31 4.05
C HIS A 83 -27.80 10.48 4.25
N ASP A 84 -27.77 11.07 5.43
CA ASP A 84 -28.73 12.11 5.76
C ASP A 84 -28.08 13.44 5.47
N PHE A 85 -28.31 13.92 4.25
CA PHE A 85 -27.74 15.17 3.82
C PHE A 85 -28.79 16.19 3.41
N GLY A 86 -30.04 16.00 3.83
CA GLY A 86 -31.14 16.90 3.43
C GLY A 86 -31.24 17.05 1.92
N MET A 87 -31.35 18.27 1.41
CA MET A 87 -31.47 18.54 -0.06
C MET A 87 -30.17 19.03 -0.74
N LYS A 88 -29.04 18.82 -0.04
CA LYS A 88 -27.70 18.21 -0.45
C LYS A 88 -26.82 18.53 -1.65
N LYS A 89 -26.39 17.49 -2.35
CA LYS A 89 -25.02 17.25 -2.78
C LYS A 89 -24.26 16.80 -1.57
N PRO A 90 -24.09 15.46 -1.45
CA PRO A 90 -23.23 14.91 -0.42
C PRO A 90 -21.78 15.16 -0.73
N PRO A 91 -20.88 14.90 0.25
CA PRO A 91 -19.49 15.09 -0.01
C PRO A 91 -18.92 14.05 -0.98
N LEU A 92 -18.10 14.55 -1.87
CA LEU A 92 -17.45 13.76 -2.87
C LEU A 92 -16.50 12.76 -2.19
N LEU A 93 -16.65 11.49 -2.54
CA LEU A 93 -15.78 10.44 -2.04
C LEU A 93 -14.67 10.24 -3.05
N ASN A 94 -13.51 10.84 -2.83
CA ASN A 94 -12.51 10.97 -3.90
C ASN A 94 -11.08 10.66 -3.55
N ASN A 95 -10.84 10.12 -2.35
CA ASN A 95 -9.49 9.76 -1.92
C ASN A 95 -9.49 8.46 -1.11
N ALA A 96 -8.29 8.02 -0.75
CA ALA A 96 -8.05 6.87 0.10
C ALA A 96 -8.73 6.97 1.47
N ASP A 97 -8.74 8.17 2.04
CA ASP A 97 -9.34 8.31 3.36
C ASP A 97 -10.84 8.07 3.36
N SER A 98 -11.51 8.58 2.33
CA SER A 98 -12.90 8.27 2.09
C SER A 98 -13.17 6.76 1.96
N VAL A 99 -12.29 6.05 1.26
CA VAL A 99 -12.43 4.61 1.05
C VAL A 99 -12.25 3.82 2.36
N GLN A 100 -11.24 4.17 3.16
CA GLN A 100 -11.07 3.51 4.45
C GLN A 100 -12.23 3.78 5.39
N ALA A 101 -12.72 5.04 5.44
CA ALA A 101 -13.82 5.43 6.35
C ALA A 101 -15.12 4.73 5.98
N LYS A 102 -15.42 4.62 4.70
CA LYS A 102 -16.66 3.97 4.32
C LYS A 102 -16.55 2.45 4.42
N ALA A 103 -15.38 1.87 4.20
CA ALA A 103 -15.24 0.44 4.40
C ALA A 103 -15.38 0.06 5.88
N GLU A 104 -14.80 0.90 6.75
CA GLU A 104 -15.00 0.74 8.16
C GLU A 104 -16.49 0.81 8.56
N MET A 105 -17.20 1.79 8.04
CA MET A 105 -18.65 1.88 8.27
C MET A 105 -19.42 0.61 7.84
N LEU A 106 -19.13 0.12 6.66
CA LEU A 106 -19.74 -1.09 6.15
C LEU A 106 -19.43 -2.34 7.01
N ASP A 107 -18.18 -2.49 7.49
CA ASP A 107 -17.79 -3.53 8.46
C ASP A 107 -18.73 -3.51 9.69
N ASN A 108 -18.99 -2.30 10.18
CA ASN A 108 -19.80 -2.12 11.35
C ASN A 108 -21.30 -2.38 11.07
N LEU A 109 -21.77 -1.99 9.89
CA LEU A 109 -23.13 -2.29 9.50
C LEU A 109 -23.35 -3.79 9.31
N LEU A 110 -22.34 -4.47 8.77
CA LEU A 110 -22.43 -5.93 8.70
C LEU A 110 -22.67 -6.58 10.08
N ASP A 111 -21.94 -6.15 11.12
CA ASP A 111 -22.15 -6.65 12.47
C ASP A 111 -23.46 -6.20 13.14
N ILE A 112 -23.90 -4.98 12.89
CA ILE A 112 -25.18 -4.52 13.39
C ILE A 112 -26.30 -5.39 12.77
N GLU A 113 -26.20 -5.65 11.49
CA GLU A 113 -27.19 -6.46 10.79
C GLU A 113 -27.30 -7.87 11.42
N VAL A 114 -26.16 -8.45 11.79
CA VAL A 114 -26.12 -9.76 12.44
C VAL A 114 -26.85 -9.66 13.79
N ALA A 115 -26.46 -8.69 14.60
CA ALA A 115 -27.09 -8.50 15.94
C ALA A 115 -28.61 -8.33 15.83
N TYR A 116 -29.08 -7.48 14.91
CA TYR A 116 -30.53 -7.27 14.73
C TYR A 116 -31.26 -8.52 14.24
N SER A 117 -30.62 -9.26 13.32
CA SER A 117 -31.20 -10.48 12.76
C SER A 117 -31.38 -11.54 13.85
N LEU A 118 -30.49 -11.53 14.85
CA LEU A 118 -30.60 -12.46 15.94
C LEU A 118 -31.80 -12.02 16.78
N LEU A 119 -31.89 -10.73 17.03
CA LEU A 119 -33.06 -10.20 17.74
C LEU A 119 -34.40 -10.52 17.06
N ARG A 120 -34.47 -10.48 15.73
CA ARG A 120 -35.71 -10.65 15.04
C ARG A 120 -35.96 -12.07 14.62
N GLY A 121 -34.91 -12.89 14.55
CA GLY A 121 -35.02 -14.28 14.06
C GLY A 121 -35.65 -15.07 15.17
N GLY A 122 -35.75 -16.34 15.19
CA GLY A 122 -36.28 -16.78 16.62
C GLY A 122 -37.67 -16.39 17.27
N SER A 123 -37.86 -16.83 18.53
CA SER A 123 -39.19 -17.00 19.17
C SER A 123 -39.47 -15.97 20.26
N ASP A 124 -40.74 -15.76 20.56
CA ASP A 124 -41.14 -14.78 21.54
C ASP A 124 -41.86 -15.52 22.65
N ASP A 125 -41.31 -15.48 23.88
CA ASP A 125 -41.84 -16.17 25.05
C ASP A 125 -41.69 -15.27 26.27
N SER A 126 -42.74 -14.54 26.65
CA SER A 126 -42.65 -13.62 27.81
C SER A 126 -42.52 -14.29 29.19
N SER A 127 -42.56 -15.62 29.30
CA SER A 127 -42.28 -16.24 30.59
C SER A 127 -40.78 -16.51 30.77
N LYS A 128 -39.97 -16.29 29.72
CA LYS A 128 -38.50 -16.30 29.85
C LYS A 128 -37.95 -14.86 30.00
N ASP A 129 -36.83 -14.72 30.68
CA ASP A 129 -36.18 -13.43 30.84
C ASP A 129 -35.50 -13.18 29.50
N PRO A 130 -35.80 -12.06 28.86
CA PRO A 130 -35.14 -11.86 27.56
C PRO A 130 -33.59 -11.82 27.62
N ILE A 131 -33.02 -11.59 28.79
CA ILE A 131 -31.55 -11.64 28.94
C ILE A 131 -31.06 -13.05 28.67
N ASP A 132 -31.75 -14.02 29.25
CA ASP A 132 -31.41 -15.42 29.05
C ASP A 132 -31.60 -15.77 27.61
N VAL A 133 -32.71 -15.31 27.03
CA VAL A 133 -32.98 -15.63 25.64
C VAL A 133 -31.87 -15.12 24.70
N ASN A 134 -31.46 -13.90 24.93
CA ASN A 134 -30.48 -13.29 24.04
C ASN A 134 -29.11 -13.88 24.30
N TYR A 135 -28.76 -14.17 25.53
CA TYR A 135 -27.48 -14.88 25.81
C TYR A 135 -27.34 -16.16 25.00
N GLU A 136 -28.40 -16.97 24.95
CA GLU A 136 -28.40 -18.21 24.19
C GLU A 136 -28.12 -17.98 22.66
N LYS A 137 -28.43 -16.80 22.13
CA LYS A 137 -28.25 -16.61 20.72
C LYS A 137 -26.78 -16.37 20.40
N LEU A 138 -25.97 -16.08 21.38
CA LEU A 138 -24.55 -15.88 21.16
C LEU A 138 -23.77 -17.18 20.97
N LYS A 139 -24.39 -18.32 21.34
CA LYS A 139 -23.73 -19.65 21.29
C LYS A 139 -22.27 -19.59 21.80
N THR A 140 -22.13 -18.97 22.97
CA THR A 140 -20.85 -18.71 23.61
C THR A 140 -21.07 -18.86 25.13
N ASP A 141 -20.23 -19.67 25.76
CA ASP A 141 -20.13 -19.75 27.18
C ASP A 141 -19.35 -18.55 27.71
N ILE A 142 -19.97 -17.80 28.59
CA ILE A 142 -19.36 -16.64 29.22
C ILE A 142 -19.38 -16.84 30.72
N LYS A 143 -18.19 -16.78 31.32
CA LYS A 143 -18.01 -16.92 32.77
C LYS A 143 -17.30 -15.71 33.26
N VAL A 144 -17.56 -15.34 34.53
CA VAL A 144 -16.83 -14.22 35.17
C VAL A 144 -15.52 -14.78 35.68
N VAL A 145 -14.42 -14.12 35.40
CA VAL A 145 -13.15 -14.48 36.03
C VAL A 145 -13.09 -13.78 37.39
N ASP A 146 -12.73 -14.54 38.41
CA ASP A 146 -12.58 -14.03 39.77
C ASP A 146 -11.41 -13.03 39.84
N ARG A 147 -11.66 -11.86 40.42
CA ARG A 147 -10.65 -10.81 40.52
C ARG A 147 -9.41 -11.31 41.27
N ASP A 148 -9.57 -12.25 42.21
CA ASP A 148 -8.43 -12.88 42.93
C ASP A 148 -7.65 -13.99 42.27
N SER A 149 -8.03 -14.43 41.07
CA SER A 149 -7.28 -15.50 40.45
C SER A 149 -5.96 -15.05 39.80
N GLU A 150 -5.16 -16.06 39.44
CA GLU A 150 -3.93 -15.95 38.69
C GLU A 150 -4.16 -15.38 37.32
N GLU A 151 -5.18 -15.88 36.64
CA GLU A 151 -5.42 -15.42 35.31
C GLU A 151 -5.93 -13.94 35.33
N ALA A 152 -6.73 -13.53 36.34
CA ALA A 152 -7.10 -12.11 36.52
C ALA A 152 -5.93 -11.17 36.75
N GLU A 153 -4.97 -11.63 37.58
CA GLU A 153 -3.74 -10.86 37.90
C GLU A 153 -2.88 -10.62 36.63
N ILE A 154 -2.73 -11.65 35.81
CA ILE A 154 -1.94 -11.55 34.57
C ILE A 154 -2.59 -10.60 33.58
N ILE A 155 -3.91 -10.69 33.45
CA ILE A 155 -4.65 -9.81 32.54
C ILE A 155 -4.60 -8.36 32.98
N ARG A 156 -4.84 -8.11 34.28
CA ARG A 156 -4.70 -6.78 34.80
C ARG A 156 -3.29 -6.18 34.59
N LYS A 157 -2.26 -7.01 34.69
CA LYS A 157 -0.88 -6.53 34.47
C LYS A 157 -0.65 -6.14 32.99
N TYR A 158 -1.26 -6.92 32.08
CA TYR A 158 -1.19 -6.69 30.69
C TYR A 158 -1.78 -5.32 30.37
N VAL A 159 -2.97 -5.05 30.92
CA VAL A 159 -3.56 -3.74 30.81
C VAL A 159 -2.73 -2.65 31.47
N LYS A 160 -2.19 -2.91 32.67
CA LYS A 160 -1.42 -1.86 33.42
C LYS A 160 -0.15 -1.47 32.71
N ASN A 161 0.50 -2.43 32.10
CA ASN A 161 1.81 -2.21 31.52
C ASN A 161 1.86 -1.73 30.09
N THR A 162 0.76 -1.87 29.32
CA THR A 162 0.83 -1.71 27.86
C THR A 162 0.04 -0.54 27.35
N HIS A 163 -0.17 0.47 28.20
CA HIS A 163 -0.88 1.70 27.84
C HIS A 163 0.20 2.68 27.29
N ALA A 164 0.15 2.99 25.99
CA ALA A 164 1.18 3.82 25.36
C ALA A 164 1.10 5.25 25.88
N THR A 165 2.25 5.90 26.01
CA THR A 165 2.30 7.28 26.42
C THR A 165 1.59 8.21 25.45
N THR A 166 1.59 7.87 24.17
CA THR A 166 1.01 8.73 23.16
C THR A 166 -0.53 8.55 23.11
N HIS A 167 -1.05 7.73 24.02
CA HIS A 167 -2.49 7.50 24.11
C HIS A 167 -2.99 7.93 25.48
N ASN A 168 -2.31 8.94 26.02
CA ASN A 168 -2.52 9.33 27.41
C ASN A 168 -3.66 10.31 27.67
N ALA A 169 -4.52 10.55 26.68
CA ALA A 169 -5.72 11.35 26.86
C ALA A 169 -6.71 10.61 27.76
N TYR A 170 -6.55 9.27 27.91
CA TYR A 170 -7.42 8.56 28.77
C TYR A 170 -6.61 7.53 29.54
N ASP A 171 -7.16 7.07 30.64
CA ASP A 171 -6.76 5.77 31.12
C ASP A 171 -7.96 4.79 31.34
N LEU A 172 -7.61 3.59 31.71
CA LEU A 172 -8.48 2.45 31.66
C LEU A 172 -8.55 1.80 33.02
N GLU A 173 -9.77 1.45 33.37
CA GLU A 173 -10.11 0.67 34.57
C GLU A 173 -10.78 -0.60 34.11
N VAL A 174 -10.30 -1.75 34.54
CA VAL A 174 -10.92 -2.98 34.14
C VAL A 174 -12.13 -3.19 35.03
N ILE A 175 -13.31 -3.21 34.46
CA ILE A 175 -14.53 -3.48 35.26
C ILE A 175 -14.81 -4.96 35.51
N ASP A 176 -14.91 -5.74 34.45
CA ASP A 176 -15.20 -7.20 34.58
C ASP A 176 -14.28 -7.88 33.62
N ILE A 177 -13.83 -9.07 33.96
CA ILE A 177 -13.14 -9.91 33.05
C ILE A 177 -13.99 -11.15 32.88
N PHE A 178 -14.30 -11.45 31.63
CA PHE A 178 -15.01 -12.64 31.25
C PHE A 178 -14.11 -13.61 30.51
N LYS A 179 -14.27 -14.87 30.84
CA LYS A 179 -13.69 -15.95 30.10
C LYS A 179 -14.77 -16.49 29.13
N ILE A 180 -14.42 -16.55 27.85
CA ILE A 180 -15.39 -16.86 26.78
C ILE A 180 -14.97 -18.10 25.94
N GLU A 181 -15.96 -18.86 25.54
CA GLU A 181 -15.72 -20.03 24.71
C GLU A 181 -16.83 -20.05 23.68
N ARG A 182 -16.50 -19.66 22.44
CA ARG A 182 -17.49 -19.66 21.37
C ARG A 182 -17.66 -21.12 20.91
N GLU A 183 -18.89 -21.58 20.69
CA GLU A 183 -19.07 -22.98 20.39
C GLU A 183 -18.36 -23.33 19.05
N GLY A 184 -17.68 -24.48 18.98
CA GLY A 184 -16.99 -24.91 17.80
C GLY A 184 -15.64 -24.25 17.57
N GLU A 185 -15.30 -23.18 18.30
CA GLU A 185 -14.10 -22.42 17.91
C GLU A 185 -12.85 -23.19 18.23
N CYS A 186 -12.91 -23.89 19.37
CA CYS A 186 -11.82 -24.74 19.83
C CYS A 186 -11.47 -25.83 18.79
N GLN A 187 -12.49 -26.49 18.27
CA GLN A 187 -12.35 -27.48 17.22
C GLN A 187 -11.74 -26.84 15.97
N ARG A 188 -12.19 -25.65 15.61
CA ARG A 188 -11.72 -24.95 14.39
C ARG A 188 -10.22 -24.60 14.50
N TYR A 189 -9.75 -24.35 15.74
CA TYR A 189 -8.40 -23.87 16.00
C TYR A 189 -7.38 -25.04 16.11
N LYS A 190 -7.91 -26.26 16.23
CA LYS A 190 -7.08 -27.48 16.42
C LYS A 190 -5.82 -27.61 15.56
N PRO A 191 -5.93 -27.35 14.25
CA PRO A 191 -4.72 -27.40 13.42
C PRO A 191 -3.62 -26.43 13.86
N PHE A 192 -4.00 -25.33 14.51
CA PHE A 192 -3.08 -24.31 14.95
C PHE A 192 -2.72 -24.31 16.39
N LYS A 193 -3.28 -25.22 17.17
CA LYS A 193 -3.13 -25.16 18.60
C LYS A 193 -1.74 -25.34 19.13
N GLN A 194 -0.86 -26.01 18.36
CA GLN A 194 0.55 -26.25 18.73
C GLN A 194 1.53 -25.40 17.87
N LEU A 195 1.00 -24.41 17.12
CA LEU A 195 1.84 -23.67 16.22
C LEU A 195 2.84 -22.89 17.05
N HIS A 196 4.02 -22.65 16.52
CA HIS A 196 4.96 -21.77 17.21
C HIS A 196 4.46 -20.33 17.11
N ASN A 197 4.91 -19.51 18.04
CA ASN A 197 4.52 -18.10 18.09
C ASN A 197 3.02 -17.91 18.21
N ARG A 198 2.48 -18.59 19.21
CA ARG A 198 1.13 -18.27 19.64
C ARG A 198 1.24 -17.19 20.68
N ARG A 199 0.37 -16.20 20.58
CA ARG A 199 0.42 -15.04 21.46
C ARG A 199 -0.95 -14.61 21.86
N LEU A 200 -1.06 -14.13 23.09
CA LEU A 200 -2.31 -13.60 23.66
C LEU A 200 -2.33 -12.08 23.36
N LEU A 201 -3.20 -11.67 22.43
CA LEU A 201 -3.27 -10.30 21.93
C LEU A 201 -4.63 -9.67 22.05
N TRP A 202 -4.63 -8.32 21.96
CA TRP A 202 -5.80 -7.47 22.07
C TRP A 202 -6.51 -7.26 20.75
N HIS A 203 -7.83 -7.17 20.80
CA HIS A 203 -8.62 -6.66 19.66
C HIS A 203 -9.78 -5.82 20.24
N GLY A 204 -9.73 -4.52 19.97
CA GLY A 204 -10.80 -3.63 20.37
C GLY A 204 -11.85 -3.51 19.26
N SER A 205 -13.09 -3.21 19.61
CA SER A 205 -14.13 -3.00 18.59
C SER A 205 -15.25 -2.27 19.24
N ARG A 206 -16.05 -1.61 18.43
CA ARG A 206 -17.19 -0.92 19.05
C ARG A 206 -18.15 -1.93 19.68
N THR A 207 -18.79 -1.53 20.77
CA THR A 207 -19.68 -2.41 21.54
C THR A 207 -20.82 -2.92 20.65
N THR A 208 -21.27 -2.11 19.67
CA THR A 208 -22.31 -2.59 18.68
C THR A 208 -21.87 -3.74 17.78
N ASN A 209 -20.57 -4.07 17.71
CA ASN A 209 -20.08 -5.22 16.99
C ASN A 209 -20.07 -6.55 17.73
N PHE A 210 -20.30 -6.52 19.04
CA PHE A 210 -19.97 -7.70 19.85
C PHE A 210 -20.95 -8.82 19.78
N ALA A 211 -22.22 -8.54 19.49
CA ALA A 211 -23.12 -9.65 19.24
C ALA A 211 -22.68 -10.44 17.99
N GLY A 212 -22.28 -9.76 16.93
CA GLY A 212 -21.73 -10.43 15.80
C GLY A 212 -20.41 -11.13 16.02
N ILE A 213 -19.51 -10.51 16.78
CA ILE A 213 -18.23 -11.19 17.09
C ILE A 213 -18.42 -12.47 17.93
N LEU A 214 -19.26 -12.42 18.95
CA LEU A 214 -19.40 -13.60 19.75
C LEU A 214 -20.19 -14.62 18.94
N SER A 215 -21.15 -14.22 18.21
CA SER A 215 -21.89 -15.26 17.50
C SER A 215 -21.13 -15.87 16.31
N GLN A 216 -20.42 -15.01 15.55
CA GLN A 216 -19.70 -15.42 14.31
C GLN A 216 -18.18 -15.45 14.43
N GLY A 217 -17.63 -14.96 15.54
CA GLY A 217 -16.17 -14.79 15.70
C GLY A 217 -15.71 -13.58 14.97
N LEU A 218 -14.43 -13.27 15.18
CA LEU A 218 -13.73 -12.31 14.36
C LEU A 218 -13.67 -12.79 12.90
N ARG A 219 -13.99 -11.90 11.99
CA ARG A 219 -14.07 -12.25 10.58
C ARG A 219 -13.21 -11.34 9.76
N ILE A 220 -12.93 -11.80 8.57
CA ILE A 220 -12.24 -10.99 7.60
C ILE A 220 -13.26 -10.30 6.73
N ALA A 221 -12.91 -9.09 6.25
CA ALA A 221 -13.80 -8.33 5.37
C ALA A 221 -14.15 -9.18 4.12
N PRO A 222 -15.34 -9.00 3.55
CA PRO A 222 -15.67 -9.96 2.48
C PRO A 222 -15.00 -9.67 1.14
N PRO A 223 -15.14 -10.59 0.16
CA PRO A 223 -14.47 -10.40 -1.13
C PRO A 223 -14.80 -9.06 -1.82
N GLU A 224 -16.05 -8.62 -1.72
CA GLU A 224 -16.47 -7.31 -2.28
C GLU A 224 -15.77 -6.04 -1.67
N ALA A 225 -15.37 -6.18 -0.41
CA ALA A 225 -14.72 -5.07 0.28
C ALA A 225 -13.39 -4.63 -0.38
N PRO A 226 -13.11 -3.33 -0.36
CA PRO A 226 -11.89 -2.78 -0.95
C PRO A 226 -10.60 -3.12 -0.14
N VAL A 227 -9.74 -3.96 -0.69
CA VAL A 227 -8.51 -4.41 0.02
C VAL A 227 -7.66 -3.24 0.57
N THR A 228 -7.73 -2.15 -0.16
CA THR A 228 -7.05 -0.92 0.12
C THR A 228 -7.64 -0.11 1.33
N GLY A 229 -8.77 -0.59 1.86
CA GLY A 229 -9.41 0.03 3.02
C GLY A 229 -8.75 -0.36 4.32
N TYR A 230 -7.74 -1.26 4.30
CA TYR A 230 -7.13 -1.85 5.47
C TYR A 230 -5.62 -1.86 5.23
N MET A 231 -4.86 -1.39 6.19
CA MET A 231 -3.41 -1.23 6.01
C MET A 231 -2.59 -2.46 5.52
N PHE A 232 -2.96 -3.65 5.97
CA PHE A 232 -2.33 -4.84 5.60
C PHE A 232 -3.32 -5.78 4.93
N GLY A 233 -4.32 -5.21 4.26
CA GLY A 233 -5.38 -5.93 3.53
C GLY A 233 -6.35 -6.64 4.42
N LYS A 234 -7.02 -7.66 3.88
CA LYS A 234 -8.23 -8.19 4.50
C LYS A 234 -7.87 -9.35 5.40
N GLY A 235 -7.51 -9.00 6.62
CA GLY A 235 -7.18 -9.97 7.65
C GLY A 235 -7.90 -9.60 8.93
N ILE A 236 -7.52 -10.28 10.01
CA ILE A 236 -8.00 -9.97 11.36
C ILE A 236 -6.83 -9.35 12.14
N TYR A 237 -7.08 -8.15 12.69
CA TYR A 237 -6.01 -7.33 13.24
C TYR A 237 -5.90 -7.39 14.77
N PHE A 238 -4.67 -7.36 15.31
CA PHE A 238 -4.45 -7.43 16.72
C PHE A 238 -3.34 -6.54 17.15
N ALA A 239 -3.35 -6.16 18.43
CA ALA A 239 -2.24 -5.38 19.02
C ALA A 239 -1.67 -6.03 20.29
N ASP A 240 -0.44 -5.67 20.64
CA ASP A 240 0.18 -6.10 21.89
C ASP A 240 0.23 -4.93 22.87
N MET A 241 -0.23 -3.74 22.45
CA MET A 241 -0.46 -2.62 23.36
C MET A 241 -1.98 -2.42 23.59
N VAL A 242 -2.48 -2.55 24.83
CA VAL A 242 -3.90 -2.41 25.14
C VAL A 242 -4.49 -1.10 24.61
N SER A 243 -3.76 0.02 24.69
CA SER A 243 -4.34 1.37 24.34
C SER A 243 -4.54 1.46 22.83
N LYS A 244 -3.65 0.81 22.05
CA LYS A 244 -3.76 0.81 20.55
C LYS A 244 -5.08 0.10 20.18
N SER A 245 -5.36 -1.06 20.78
CA SER A 245 -6.68 -1.78 20.58
C SER A 245 -7.87 -1.01 21.22
N ALA A 246 -7.67 -0.46 22.42
CA ALA A 246 -8.70 0.31 23.13
C ALA A 246 -9.20 1.50 22.31
N ASN A 247 -8.30 2.10 21.52
CA ASN A 247 -8.69 3.18 20.60
C ASN A 247 -9.79 2.84 19.63
N TYR A 248 -9.83 1.57 19.22
CA TYR A 248 -10.86 1.12 18.30
C TYR A 248 -12.20 0.81 18.94
N CYS A 249 -12.32 0.85 20.25
CA CYS A 249 -13.62 0.83 20.91
C CYS A 249 -14.48 2.06 20.57
N HIS A 250 -13.84 3.20 20.28
CA HIS A 250 -14.54 4.44 19.90
C HIS A 250 -15.44 4.90 21.01
N THR A 251 -14.93 4.81 22.23
CA THR A 251 -15.63 5.33 23.35
C THR A 251 -15.41 6.86 23.41
N SER A 252 -16.11 7.51 24.32
CA SER A 252 -15.96 8.97 24.53
C SER A 252 -16.58 9.35 25.86
N GLN A 253 -16.57 10.65 26.14
CA GLN A 253 -17.22 11.20 27.31
C GLN A 253 -18.70 10.95 27.33
N GLY A 254 -19.39 10.98 26.20
CA GLY A 254 -20.84 10.59 26.04
C GLY A 254 -21.20 9.07 26.09
N ASP A 255 -20.17 8.14 26.03
CA ASP A 255 -20.29 6.66 26.24
C ASP A 255 -18.89 6.08 26.59
N PRO A 256 -18.47 6.16 27.88
CA PRO A 256 -17.08 5.85 28.24
C PRO A 256 -16.82 4.37 28.56
N ILE A 257 -17.80 3.49 28.38
CA ILE A 257 -17.63 2.05 28.70
C ILE A 257 -17.46 1.27 27.39
N GLY A 258 -16.43 0.46 27.29
CA GLY A 258 -16.18 -0.26 26.04
C GLY A 258 -15.77 -1.67 26.37
N LEU A 259 -15.64 -2.45 25.33
CA LEU A 259 -15.36 -3.89 25.41
C LEU A 259 -14.11 -4.17 24.56
N ILE A 260 -13.27 -5.04 25.07
CA ILE A 260 -12.08 -5.48 24.36
C ILE A 260 -11.90 -6.96 24.52
N LEU A 261 -11.35 -7.57 23.48
CA LEU A 261 -11.00 -9.00 23.48
C LEU A 261 -9.54 -9.31 23.68
N LEU A 262 -9.28 -10.46 24.34
CA LEU A 262 -7.93 -11.04 24.30
C LEU A 262 -8.11 -12.36 23.58
N GLY A 263 -7.35 -12.59 22.54
CA GLY A 263 -7.47 -13.82 21.73
C GLY A 263 -6.14 -14.51 21.70
N GLU A 264 -6.15 -15.87 21.73
CA GLU A 264 -5.00 -16.61 21.34
C GLU A 264 -4.87 -16.64 19.80
N VAL A 265 -3.77 -16.08 19.33
CA VAL A 265 -3.52 -15.96 17.92
C VAL A 265 -2.32 -16.77 17.50
N ALA A 266 -2.51 -17.60 16.47
CA ALA A 266 -1.39 -18.47 16.06
C ALA A 266 -0.68 -17.75 14.95
N LEU A 267 0.48 -17.17 15.25
CA LEU A 267 1.17 -16.26 14.30
C LEU A 267 2.19 -16.95 13.40
N GLY A 268 2.72 -18.07 13.91
CA GLY A 268 3.78 -18.79 13.23
C GLY A 268 4.86 -17.89 12.63
N ASN A 269 5.20 -18.19 11.39
CA ASN A 269 6.19 -17.47 10.63
C ASN A 269 5.65 -16.16 10.18
N MET A 270 6.17 -15.07 10.76
CA MET A 270 5.61 -13.73 10.53
C MET A 270 6.24 -13.11 9.33
N TYR A 271 5.41 -12.46 8.52
CA TYR A 271 5.88 -11.65 7.42
C TYR A 271 5.99 -10.26 7.99
N GLU A 272 7.22 -9.82 8.18
CA GLU A 272 7.48 -8.53 8.85
C GLU A 272 7.48 -7.33 7.92
N LEU A 273 6.59 -6.35 8.19
CA LEU A 273 6.44 -5.17 7.34
C LEU A 273 6.41 -3.86 8.11
N LYS A 274 6.85 -2.80 7.44
CA LYS A 274 6.94 -1.43 8.00
C LYS A 274 5.92 -0.44 7.47
N HIS A 275 5.35 -0.69 6.28
CA HIS A 275 4.44 0.26 5.66
C HIS A 275 3.25 -0.45 5.09
N ALA A 276 2.24 0.33 4.69
CA ALA A 276 1.03 -0.23 4.07
C ALA A 276 1.44 -1.25 3.02
N SER A 277 0.82 -2.41 3.08
CA SER A 277 0.91 -3.43 2.07
C SER A 277 -0.43 -4.13 1.94
N HIS A 278 -1.17 -3.84 0.87
CA HIS A 278 -2.56 -4.23 0.72
C HIS A 278 -2.61 -5.58 0.02
N ILE A 279 -2.17 -6.59 0.73
CA ILE A 279 -1.99 -7.89 0.17
C ILE A 279 -3.34 -8.60 0.20
N SER A 280 -3.48 -9.51 -0.78
CA SER A 280 -4.62 -10.42 -0.97
C SER A 280 -4.29 -11.80 -0.35
N LYS A 281 -3.07 -12.30 -0.57
CA LYS A 281 -2.51 -13.48 0.14
C LYS A 281 -1.10 -13.26 0.74
N LEU A 282 -0.75 -14.06 1.75
CA LEU A 282 0.61 -14.06 2.30
C LEU A 282 1.57 -14.69 1.30
N PRO A 283 2.85 -14.36 1.39
CA PRO A 283 3.80 -15.20 0.65
C PRO A 283 3.87 -16.63 1.20
N LYS A 284 4.13 -17.55 0.31
CA LYS A 284 4.26 -18.97 0.70
C LYS A 284 5.23 -19.11 1.88
N GLY A 285 4.81 -19.83 2.90
CA GLY A 285 5.64 -20.07 4.05
C GLY A 285 5.32 -19.14 5.21
N LYS A 286 4.63 -18.02 4.93
CA LYS A 286 4.20 -17.09 6.01
C LYS A 286 2.81 -17.43 6.55
N HIS A 287 2.64 -17.24 7.84
CA HIS A 287 1.35 -17.51 8.50
C HIS A 287 0.64 -16.23 8.96
N SER A 288 1.36 -15.11 9.07
CA SER A 288 0.81 -13.87 9.54
C SER A 288 1.62 -12.70 9.04
N VAL A 289 1.08 -11.52 9.22
CA VAL A 289 1.88 -10.29 9.14
C VAL A 289 2.14 -9.72 10.51
N LYS A 290 3.37 -9.22 10.72
CA LYS A 290 3.69 -8.35 11.82
C LYS A 290 4.02 -6.97 11.28
N GLY A 291 3.23 -6.01 11.69
CA GLY A 291 3.43 -4.60 11.41
C GLY A 291 4.40 -4.15 12.48
N LEU A 292 5.58 -3.70 12.05
CA LEU A 292 6.71 -3.55 12.98
C LEU A 292 6.65 -2.19 13.66
N GLY A 293 6.41 -2.19 14.97
CA GLY A 293 6.32 -0.91 15.71
C GLY A 293 7.69 -0.39 16.04
N LYS A 294 7.76 0.91 16.26
CA LYS A 294 8.93 1.60 16.77
C LYS A 294 9.07 1.20 18.21
N THR A 295 7.94 0.91 18.89
CA THR A 295 7.93 0.47 20.29
C THR A 295 7.36 -0.90 20.39
N THR A 296 7.93 -1.74 21.25
CA THR A 296 7.39 -3.07 21.51
C THR A 296 7.36 -3.30 23.06
N PRO A 297 6.40 -4.11 23.62
CA PRO A 297 6.56 -4.61 25.03
C PRO A 297 7.91 -5.33 25.20
N ASP A 298 8.56 -5.11 26.33
CA ASP A 298 9.90 -5.59 26.50
C ASP A 298 9.89 -7.13 26.38
N PRO A 299 10.59 -7.68 25.37
CA PRO A 299 10.56 -9.16 25.14
C PRO A 299 10.93 -10.01 26.35
N SER A 300 11.75 -9.45 27.23
CA SER A 300 12.27 -10.21 28.35
C SER A 300 11.26 -10.39 29.49
N ALA A 301 10.17 -9.62 29.47
CA ALA A 301 9.04 -9.77 30.41
C ALA A 301 7.85 -10.60 29.90
N ASN A 302 7.97 -11.27 28.76
CA ASN A 302 6.96 -12.26 28.35
C ASN A 302 6.71 -13.23 29.50
N ILE A 303 5.45 -13.56 29.66
CA ILE A 303 5.00 -14.48 30.70
C ILE A 303 4.05 -15.48 29.99
N SER A 304 3.82 -16.64 30.60
CA SER A 304 3.00 -17.72 30.01
C SER A 304 1.69 -17.77 30.72
N LEU A 305 0.60 -17.89 29.97
CA LEU A 305 -0.70 -18.11 30.51
C LEU A 305 -1.32 -19.29 29.75
N ASP A 306 -1.45 -20.42 30.45
CA ASP A 306 -1.91 -21.69 29.85
C ASP A 306 -1.13 -22.04 28.56
N GLY A 307 0.19 -22.01 28.67
CA GLY A 307 1.07 -22.21 27.54
C GLY A 307 1.15 -21.15 26.46
N VAL A 308 0.36 -20.07 26.55
CA VAL A 308 0.40 -19.05 25.47
C VAL A 308 1.26 -17.88 25.97
N ASP A 309 2.21 -17.38 25.17
CA ASP A 309 2.95 -16.17 25.56
C ASP A 309 2.10 -14.90 25.66
N VAL A 310 2.31 -14.18 26.76
CA VAL A 310 1.65 -12.90 26.99
C VAL A 310 2.68 -11.79 27.00
N PRO A 311 2.66 -10.91 25.97
CA PRO A 311 3.73 -9.89 25.84
C PRO A 311 3.35 -8.65 26.65
N LEU A 312 3.42 -8.81 27.97
CA LEU A 312 2.94 -7.78 28.91
C LEU A 312 4.08 -6.88 29.47
N GLY A 313 5.24 -6.86 28.87
CA GLY A 313 6.29 -5.93 29.33
C GLY A 313 5.91 -4.47 29.00
N THR A 314 6.54 -3.54 29.68
CA THR A 314 6.37 -2.14 29.40
C THR A 314 7.07 -1.86 28.05
N GLY A 315 6.65 -0.81 27.39
CA GLY A 315 7.04 -0.50 26.04
C GLY A 315 8.49 -0.07 26.01
N ILE A 316 9.28 -0.65 25.10
CA ILE A 316 10.67 -0.21 24.88
C ILE A 316 10.94 -0.02 23.40
N SER A 317 12.05 0.64 23.06
CA SER A 317 12.40 0.74 21.66
C SER A 317 12.58 -0.70 21.03
N SER A 318 11.96 -0.91 19.85
CA SER A 318 12.13 -2.18 19.08
C SER A 318 13.47 -2.21 18.34
N GLY A 319 14.07 -1.04 18.11
CA GLY A 319 15.23 -0.90 17.20
C GLY A 319 14.88 -0.83 15.73
N VAL A 320 13.60 -0.90 15.37
CA VAL A 320 13.16 -0.79 13.97
C VAL A 320 13.15 0.69 13.56
N ASN A 321 13.76 1.03 12.43
CA ASN A 321 13.97 2.46 12.13
C ASN A 321 12.87 3.27 11.52
N ASP A 322 12.68 3.16 10.24
CA ASP A 322 11.86 4.11 9.49
C ASP A 322 10.55 3.40 9.18
N THR A 323 9.71 3.28 10.19
CA THR A 323 8.49 2.48 10.09
C THR A 323 7.34 3.41 10.17
N SER A 324 6.23 3.05 9.50
CA SER A 324 4.98 3.83 9.56
C SER A 324 4.25 3.58 10.90
N LEU A 325 4.71 2.68 11.74
CA LEU A 325 3.93 2.27 12.92
C LEU A 325 4.60 2.65 14.19
N LEU A 326 3.88 3.28 15.14
CA LEU A 326 4.50 3.59 16.43
C LEU A 326 4.52 2.32 17.26
N TYR A 327 3.50 1.43 17.06
CA TYR A 327 3.38 0.17 17.82
C TYR A 327 3.12 -0.99 16.91
N ASN A 328 3.36 -2.18 17.44
CA ASN A 328 3.18 -3.39 16.65
C ASN A 328 1.74 -3.62 16.24
N GLU A 329 1.55 -4.39 15.19
CA GLU A 329 0.21 -4.85 14.77
C GLU A 329 0.40 -6.29 14.27
N TYR A 330 -0.58 -7.19 14.43
CA TYR A 330 -0.47 -8.59 13.98
C TYR A 330 -1.70 -8.90 13.18
N ILE A 331 -1.49 -9.52 12.02
CA ILE A 331 -2.58 -9.81 11.10
C ILE A 331 -2.57 -11.28 10.73
N VAL A 332 -3.70 -11.96 10.92
CA VAL A 332 -3.89 -13.23 10.29
C VAL A 332 -4.99 -13.21 9.21
N TYR A 333 -4.89 -14.15 8.29
CA TYR A 333 -5.73 -14.15 7.07
C TYR A 333 -6.55 -15.40 6.92
N ASP A 334 -6.60 -16.20 7.99
CA ASP A 334 -7.46 -17.37 8.07
C ASP A 334 -8.12 -17.22 9.42
N ILE A 335 -9.44 -17.13 9.45
CA ILE A 335 -10.21 -17.00 10.70
C ILE A 335 -9.94 -18.08 11.71
N ALA A 336 -9.53 -19.24 11.23
CA ALA A 336 -9.24 -20.38 12.11
C ALA A 336 -8.03 -20.21 12.99
N GLN A 337 -7.15 -19.24 12.72
CA GLN A 337 -5.96 -19.00 13.51
C GLN A 337 -6.19 -18.18 14.81
N VAL A 338 -7.44 -17.96 15.19
CA VAL A 338 -7.81 -17.15 16.34
C VAL A 338 -8.71 -17.98 17.22
N ASN A 339 -8.40 -18.00 18.51
CA ASN A 339 -9.23 -18.62 19.54
C ASN A 339 -9.44 -17.56 20.59
N LEU A 340 -10.63 -16.97 20.60
CA LEU A 340 -10.93 -15.93 21.58
C LEU A 340 -10.93 -16.55 23.00
N LYS A 341 -10.33 -15.87 23.98
CA LYS A 341 -10.16 -16.39 25.33
C LYS A 341 -10.82 -15.52 26.39
N TYR A 342 -10.71 -14.20 26.27
CA TYR A 342 -11.32 -13.32 27.27
C TYR A 342 -11.96 -12.13 26.62
N LEU A 343 -12.88 -11.58 27.38
CA LEU A 343 -13.56 -10.29 27.07
C LEU A 343 -13.54 -9.40 28.32
N LEU A 344 -13.08 -8.15 28.15
CA LEU A 344 -12.97 -7.20 29.25
C LEU A 344 -13.94 -6.08 28.99
N LYS A 345 -14.69 -5.71 30.03
CA LYS A 345 -15.46 -4.48 30.04
C LYS A 345 -14.58 -3.43 30.73
N LEU A 346 -14.26 -2.38 29.98
CA LEU A 346 -13.40 -1.31 30.42
C LEU A 346 -14.14 0.02 30.65
N LYS A 347 -13.71 0.76 31.65
CA LYS A 347 -14.18 2.16 31.74
C LYS A 347 -13.03 3.08 31.37
N PHE A 348 -13.34 4.02 30.48
CA PHE A 348 -12.38 4.99 29.92
C PHE A 348 -12.56 6.24 30.74
N ASN A 349 -11.53 6.61 31.55
CA ASN A 349 -11.44 7.98 32.18
C ASN A 349 -10.70 8.95 31.26
N PHE A 350 -11.46 9.79 30.57
CA PHE A 350 -10.88 10.81 29.72
C PHE A 350 -10.39 12.00 30.54
N LYS A 351 -9.17 12.44 30.25
CA LYS A 351 -8.53 13.57 30.96
C LYS A 351 -8.62 14.92 30.21
N THR A 352 -9.62 15.07 29.37
CA THR A 352 -9.72 16.21 28.46
C THR A 352 -11.14 16.78 28.47
N HIS B 1 38.32 20.03 -34.66
CA HIS B 1 38.36 18.73 -33.94
C HIS B 1 38.34 17.57 -34.94
N MET B 2 38.52 16.35 -34.43
CA MET B 2 38.40 15.10 -35.20
C MET B 2 37.13 15.01 -36.10
N LYS B 3 36.01 15.56 -35.61
CA LYS B 3 34.67 15.51 -36.24
C LYS B 3 33.80 14.30 -35.83
N SER B 4 34.37 13.31 -35.16
CA SER B 4 33.69 12.07 -34.78
C SER B 4 33.40 11.23 -35.98
N LYS B 5 33.82 9.97 -35.92
CA LYS B 5 33.44 8.97 -36.91
C LYS B 5 32.34 8.04 -36.42
N LEU B 6 31.69 8.35 -35.29
CA LEU B 6 30.59 7.45 -34.80
C LEU B 6 29.44 7.43 -35.76
N PRO B 7 28.71 6.31 -35.83
CA PRO B 7 27.50 6.39 -36.64
C PRO B 7 26.60 7.64 -36.35
N LYS B 8 26.11 8.28 -37.40
CA LYS B 8 25.20 9.40 -37.26
C LYS B 8 24.02 9.17 -36.27
N PRO B 9 23.30 8.02 -36.32
CA PRO B 9 22.27 7.85 -35.26
C PRO B 9 22.83 7.82 -33.81
N VAL B 10 24.05 7.30 -33.60
CA VAL B 10 24.67 7.30 -32.27
C VAL B 10 25.04 8.73 -31.91
N GLN B 11 25.60 9.49 -32.84
CA GLN B 11 25.89 10.90 -32.58
C GLN B 11 24.64 11.68 -32.15
N ASP B 12 23.55 11.45 -32.88
CA ASP B 12 22.28 12.13 -32.60
C ASP B 12 21.79 11.76 -31.18
N LEU B 13 21.98 10.51 -30.79
CA LEU B 13 21.57 10.07 -29.41
C LEU B 13 22.37 10.77 -28.32
N ILE B 14 23.68 10.80 -28.52
CA ILE B 14 24.58 11.53 -27.60
C ILE B 14 24.17 13.00 -27.45
N LYS B 15 23.89 13.64 -28.57
CA LYS B 15 23.45 15.02 -28.58
C LYS B 15 22.23 15.17 -27.75
N MET B 16 21.25 14.31 -27.99
CA MET B 16 19.97 14.38 -27.30
C MET B 16 20.16 14.19 -25.78
N ILE B 17 20.96 13.20 -25.40
CA ILE B 17 21.06 12.92 -23.94
C ILE B 17 21.87 13.93 -23.16
N PHE B 18 22.85 14.61 -23.78
CA PHE B 18 23.64 15.56 -23.02
C PHE B 18 23.27 16.99 -23.31
N ASP B 19 22.06 17.23 -23.79
CA ASP B 19 21.67 18.57 -24.15
C ASP B 19 21.28 19.41 -22.92
N VAL B 20 21.98 20.51 -22.69
CA VAL B 20 21.80 21.34 -21.49
C VAL B 20 20.46 22.08 -21.48
N GLU B 21 20.08 22.59 -22.64
CA GLU B 21 18.79 23.24 -22.77
C GLU B 21 17.62 22.29 -22.48
N SER B 22 17.75 21.03 -22.84
CA SER B 22 16.73 20.02 -22.39
C SER B 22 16.68 19.88 -20.88
N MET B 23 17.84 19.93 -20.26
CA MET B 23 17.88 19.85 -18.81
C MET B 23 17.12 21.04 -18.18
N LYS B 24 17.42 22.23 -18.68
CA LYS B 24 16.78 23.44 -18.23
C LYS B 24 15.30 23.40 -18.50
N LYS B 25 14.88 23.00 -19.69
CA LYS B 25 13.45 22.93 -20.00
C LYS B 25 12.70 21.99 -19.08
N ALA B 26 13.31 20.86 -18.72
CA ALA B 26 12.65 19.89 -17.83
C ALA B 26 12.44 20.55 -16.47
N MET B 27 13.44 21.30 -16.03
CA MET B 27 13.31 22.02 -14.78
C MET B 27 12.17 23.05 -14.80
N VAL B 28 12.05 23.82 -15.88
CA VAL B 28 10.93 24.79 -15.90
C VAL B 28 9.57 24.08 -16.03
N GLU B 29 9.50 22.92 -16.66
CA GLU B 29 8.25 22.17 -16.70
C GLU B 29 7.75 21.79 -15.29
N TYR B 30 8.65 21.51 -14.35
CA TYR B 30 8.24 21.37 -12.92
C TYR B 30 8.04 22.71 -12.20
N GLU B 31 8.19 23.80 -12.91
CA GLU B 31 8.10 25.14 -12.36
C GLU B 31 9.16 25.42 -11.30
N ILE B 32 10.31 24.78 -11.43
CA ILE B 32 11.46 25.18 -10.64
C ILE B 32 11.83 26.59 -11.09
N ASP B 33 12.30 27.41 -10.16
CA ASP B 33 12.71 28.77 -10.47
C ASP B 33 14.17 28.78 -10.87
N LEU B 34 14.43 28.86 -12.17
CA LEU B 34 15.80 28.81 -12.69
C LEU B 34 16.61 30.09 -12.43
N GLN B 35 15.90 31.19 -12.19
CA GLN B 35 16.50 32.40 -11.69
C GLN B 35 17.13 32.17 -10.31
N LYS B 36 16.40 31.49 -9.42
CA LYS B 36 16.81 31.25 -8.02
C LYS B 36 17.75 30.03 -7.89
N MET B 37 17.58 29.08 -8.81
CA MET B 37 18.14 27.75 -8.72
C MET B 37 18.62 27.38 -10.13
N PRO B 38 19.73 27.98 -10.57
CA PRO B 38 20.20 27.61 -11.92
C PRO B 38 20.68 26.14 -11.98
N LEU B 39 20.61 25.56 -13.17
CA LEU B 39 21.05 24.17 -13.37
C LEU B 39 22.34 23.86 -12.64
N GLY B 40 23.31 24.75 -12.79
CA GLY B 40 24.59 24.65 -12.09
C GLY B 40 24.58 24.63 -10.58
N LYS B 41 23.51 25.13 -9.97
CA LYS B 41 23.38 25.13 -8.50
C LYS B 41 22.66 23.88 -7.92
N LEU B 42 22.13 23.00 -8.79
CA LEU B 42 21.40 21.81 -8.35
C LEU B 42 22.42 20.82 -7.81
N SER B 43 22.20 20.22 -6.63
CA SER B 43 23.24 19.42 -6.00
C SER B 43 22.74 18.10 -5.46
N LYS B 44 23.63 17.14 -5.39
CA LYS B 44 23.23 15.80 -4.95
C LYS B 44 22.70 15.81 -3.52
N ARG B 45 23.35 16.55 -2.65
CA ARG B 45 22.91 16.47 -1.24
C ARG B 45 21.67 17.32 -1.01
N GLN B 46 21.47 18.32 -1.85
CA GLN B 46 20.17 19.05 -1.87
C GLN B 46 19.03 18.19 -2.26
N ILE B 47 19.24 17.40 -3.28
CA ILE B 47 18.19 16.42 -3.68
C ILE B 47 17.90 15.35 -2.59
N GLN B 48 18.94 14.85 -1.97
CA GLN B 48 18.81 13.87 -0.91
C GLN B 48 18.06 14.51 0.28
N ALA B 49 18.44 15.76 0.60
CA ALA B 49 17.72 16.53 1.62
C ALA B 49 16.22 16.67 1.28
N ALA B 50 15.91 16.99 0.03
CA ALA B 50 14.53 17.06 -0.44
C ALA B 50 13.81 15.72 -0.28
N TYR B 51 14.48 14.62 -0.63
CA TYR B 51 13.89 13.32 -0.35
C TYR B 51 13.61 13.09 1.13
N SER B 52 14.52 13.50 2.05
CA SER B 52 14.27 13.35 3.50
C SER B 52 13.07 14.14 3.97
N ILE B 53 12.82 15.27 3.33
CA ILE B 53 11.59 16.00 3.65
C ILE B 53 10.37 15.21 3.26
N LEU B 54 10.41 14.60 2.09
CA LEU B 54 9.31 13.76 1.64
C LEU B 54 9.09 12.59 2.60
N SER B 55 10.19 11.98 3.05
CA SER B 55 10.16 10.91 4.06
C SER B 55 9.54 11.42 5.37
N GLU B 56 9.93 12.63 5.78
CA GLU B 56 9.28 13.30 6.95
C GLU B 56 7.73 13.48 6.83
N VAL B 57 7.27 13.84 5.64
CA VAL B 57 5.86 13.93 5.36
C VAL B 57 5.23 12.55 5.47
N GLN B 58 5.81 11.56 4.81
CA GLN B 58 5.33 10.18 4.92
C GLN B 58 5.15 9.76 6.40
N GLN B 59 6.14 10.08 7.21
CA GLN B 59 6.16 9.64 8.61
C GLN B 59 5.07 10.40 9.40
N ALA B 60 4.95 11.66 9.07
CA ALA B 60 3.94 12.49 9.70
C ALA B 60 2.55 12.06 9.33
N VAL B 61 2.28 11.76 8.06
CA VAL B 61 0.94 11.31 7.67
C VAL B 61 0.65 10.04 8.47
N SER B 62 1.59 9.11 8.53
CA SER B 62 1.32 7.88 9.27
C SER B 62 0.90 8.11 10.74
N GLN B 63 0.81 9.35 11.25
CA GLN B 63 0.12 9.66 12.55
C GLN B 63 -0.65 11.01 12.63
N GLY B 64 -1.73 11.09 11.86
CA GLY B 64 -2.64 12.26 11.81
C GLY B 64 -3.06 12.84 13.15
N SER B 66 -0.42 14.73 12.19
CA SER B 66 -0.90 16.06 12.36
C SER B 66 -0.52 16.99 11.22
N ASP B 67 -1.56 17.36 10.47
CA ASP B 67 -1.35 18.10 9.25
C ASP B 67 -0.69 19.48 9.44
N SER B 68 -0.65 20.09 10.63
CA SER B 68 0.02 21.39 10.80
C SER B 68 1.51 21.28 10.49
N GLN B 69 2.15 20.24 11.00
CA GLN B 69 3.56 19.97 10.65
C GLN B 69 3.74 19.73 9.14
N ILE B 70 2.76 19.08 8.55
CA ILE B 70 2.76 18.80 7.14
C ILE B 70 2.78 20.07 6.31
N LEU B 71 2.03 21.13 6.70
CA LEU B 71 2.13 22.48 6.01
C LEU B 71 3.54 22.96 6.02
N ASP B 72 4.16 22.88 7.20
CA ASP B 72 5.46 23.46 7.41
C ASP B 72 6.48 22.69 6.61
N LEU B 73 6.32 21.37 6.55
CA LEU B 73 7.26 20.54 5.73
C LEU B 73 7.10 20.84 4.26
N SER B 74 5.85 21.04 3.85
CA SER B 74 5.55 21.38 2.50
C SER B 74 6.24 22.70 2.14
N ASN B 75 6.05 23.67 3.02
CA ASN B 75 6.73 24.97 2.88
C ASN B 75 8.24 24.85 2.74
N ARG B 76 8.82 24.03 3.60
CA ARG B 76 10.24 23.77 3.61
C ARG B 76 10.74 23.17 2.29
N PHE B 77 9.98 22.25 1.72
CA PHE B 77 10.28 21.63 0.43
C PHE B 77 10.42 22.72 -0.60
N TYR B 78 9.42 23.61 -0.61
CA TYR B 78 9.41 24.73 -1.54
C TYR B 78 10.47 25.83 -1.27
N THR B 79 11.10 25.79 -0.10
CA THR B 79 12.23 26.64 0.22
C THR B 79 13.54 25.96 -0.26
N LEU B 80 13.64 24.66 -0.02
CA LEU B 80 14.86 23.93 -0.39
C LEU B 80 15.01 23.90 -1.94
N ILE B 81 13.91 23.70 -2.63
CA ILE B 81 13.87 23.71 -4.07
C ILE B 81 12.98 24.85 -4.49
N PRO B 82 13.54 26.03 -4.85
CA PRO B 82 12.71 27.20 -5.24
C PRO B 82 11.93 27.00 -6.49
N HIS B 83 10.62 27.26 -6.44
CA HIS B 83 9.76 27.13 -7.57
C HIS B 83 9.24 28.51 -7.96
N ASP B 84 8.69 28.60 -9.16
CA ASP B 84 7.97 29.81 -9.63
C ASP B 84 6.71 29.37 -10.31
N PHE B 85 5.70 29.15 -9.48
CA PHE B 85 4.30 29.28 -9.86
C PHE B 85 4.20 30.80 -9.64
N GLY B 86 4.64 31.21 -8.42
CA GLY B 86 5.08 32.56 -8.05
C GLY B 86 6.52 32.68 -7.50
N MET B 87 6.77 33.56 -6.54
CA MET B 87 8.15 33.85 -6.10
C MET B 87 8.57 32.64 -5.27
N LYS B 88 7.60 32.12 -4.48
CA LYS B 88 7.32 30.66 -4.16
C LYS B 88 6.16 30.51 -3.11
N LYS B 89 5.23 29.54 -3.28
CA LYS B 89 4.12 29.02 -2.30
C LYS B 89 2.83 28.56 -3.19
N PRO B 90 2.59 27.22 -3.40
CA PRO B 90 1.64 26.65 -4.39
C PRO B 90 1.01 25.22 -3.97
N PRO B 91 0.95 24.18 -4.86
CA PRO B 91 0.59 22.77 -4.57
C PRO B 91 1.03 22.07 -3.27
N LEU B 92 0.08 21.83 -2.38
CA LEU B 92 0.41 21.37 -1.05
C LEU B 92 0.94 19.93 -1.09
N LEU B 93 1.99 19.69 -0.29
CA LEU B 93 2.53 18.34 -0.05
C LEU B 93 1.89 17.80 1.19
N ASN B 94 0.78 17.11 1.05
CA ASN B 94 -0.03 16.73 2.22
C ASN B 94 -0.59 15.32 2.28
N ASN B 95 -0.44 14.61 1.16
CA ASN B 95 -1.11 13.33 0.90
C ASN B 95 -0.21 12.46 0.03
N ALA B 96 -0.58 11.18 -0.06
CA ALA B 96 0.10 10.23 -0.90
C ALA B 96 0.41 10.77 -2.30
N ASP B 97 -0.58 11.33 -2.98
CA ASP B 97 -0.43 11.69 -4.41
C ASP B 97 0.66 12.74 -4.65
N SER B 98 0.74 13.68 -3.70
CA SER B 98 1.78 14.71 -3.63
C SER B 98 3.14 14.14 -3.41
N VAL B 99 3.22 13.27 -2.44
CA VAL B 99 4.49 12.61 -2.11
C VAL B 99 5.01 11.87 -3.34
N GLN B 100 4.13 11.16 -4.03
CA GLN B 100 4.52 10.43 -5.23
C GLN B 100 4.94 11.32 -6.34
N ALA B 101 4.24 12.46 -6.48
CA ALA B 101 4.55 13.40 -7.58
C ALA B 101 5.92 14.00 -7.36
N LYS B 102 6.23 14.41 -6.14
CA LYS B 102 7.52 14.99 -5.85
C LYS B 102 8.67 13.98 -5.84
N ALA B 103 8.43 12.75 -5.35
CA ALA B 103 9.42 11.70 -5.43
C ALA B 103 9.86 11.50 -6.90
N GLU B 104 8.86 11.43 -7.78
CA GLU B 104 9.07 11.31 -9.24
C GLU B 104 9.92 12.48 -9.78
N MET B 105 9.58 13.72 -9.40
CA MET B 105 10.39 14.84 -9.81
C MET B 105 11.83 14.73 -9.29
N LEU B 106 12.03 14.36 -8.02
CA LEU B 106 13.36 14.20 -7.48
C LEU B 106 14.13 13.08 -8.17
N ASP B 107 13.46 11.98 -8.54
CA ASP B 107 14.12 10.93 -9.33
C ASP B 107 14.77 11.55 -10.63
N ASN B 108 14.05 12.44 -11.24
CA ASN B 108 14.48 13.08 -12.46
C ASN B 108 15.59 14.11 -12.22
N LEU B 109 15.37 14.92 -11.19
CA LEU B 109 16.42 15.85 -10.80
C LEU B 109 17.71 15.19 -10.43
N LEU B 110 17.66 14.02 -9.79
CA LEU B 110 18.87 13.26 -9.41
C LEU B 110 19.67 12.95 -10.67
N ASP B 111 19.00 12.51 -11.73
CA ASP B 111 19.70 12.15 -12.94
C ASP B 111 20.11 13.35 -13.81
N ILE B 112 19.40 14.46 -13.71
CA ILE B 112 19.85 15.70 -14.31
C ILE B 112 21.16 16.16 -13.67
N GLU B 113 21.27 16.04 -12.36
CA GLU B 113 22.52 16.43 -11.64
C GLU B 113 23.65 15.51 -12.09
N VAL B 114 23.34 14.21 -12.27
CA VAL B 114 24.35 13.24 -12.70
C VAL B 114 24.90 13.67 -14.07
N ALA B 115 24.01 13.95 -14.99
CA ALA B 115 24.34 14.31 -16.36
C ALA B 115 25.20 15.59 -16.43
N TYR B 116 24.74 16.64 -15.77
CA TYR B 116 25.49 17.91 -15.73
C TYR B 116 26.85 17.78 -15.06
N SER B 117 26.92 17.02 -13.99
CA SER B 117 28.21 16.76 -13.37
C SER B 117 29.18 15.94 -14.25
N LEU B 118 28.68 14.96 -15.04
CA LEU B 118 29.52 14.27 -16.04
C LEU B 118 30.09 15.25 -17.03
N LEU B 119 29.20 16.09 -17.55
CA LEU B 119 29.57 17.17 -18.48
C LEU B 119 30.67 18.12 -17.90
N ARG B 120 30.55 18.46 -16.62
CA ARG B 120 31.48 19.43 -15.98
C ARG B 120 32.65 18.79 -15.32
N GLY B 121 32.70 17.47 -15.34
CA GLY B 121 33.90 16.78 -14.90
C GLY B 121 34.79 16.35 -16.05
N GLY B 122 35.74 15.58 -15.61
CA GLY B 122 36.70 14.99 -16.48
C GLY B 122 37.76 16.00 -16.91
N SER B 123 38.30 15.71 -18.09
CA SER B 123 39.30 16.52 -18.78
C SER B 123 38.76 17.21 -20.04
N ASP B 124 39.28 18.42 -20.28
CA ASP B 124 38.95 19.27 -21.41
C ASP B 124 40.06 19.17 -22.46
N ASP B 125 39.73 18.68 -23.66
CA ASP B 125 40.66 18.53 -24.77
C ASP B 125 39.92 18.92 -26.06
N SER B 126 40.03 20.19 -26.49
CA SER B 126 39.19 20.64 -27.65
C SER B 126 39.77 20.23 -29.02
N SER B 127 40.81 19.40 -29.02
CA SER B 127 41.18 18.68 -30.23
C SER B 127 40.30 17.42 -30.45
N LYS B 128 39.38 17.13 -29.51
CA LYS B 128 38.40 16.04 -29.69
C LYS B 128 37.03 16.62 -29.97
N ASP B 129 36.25 15.92 -30.79
CA ASP B 129 34.86 16.25 -30.97
C ASP B 129 34.15 16.03 -29.62
N PRO B 130 33.41 17.04 -29.12
CA PRO B 130 32.68 16.83 -27.86
C PRO B 130 31.70 15.63 -27.87
N ILE B 131 31.19 15.24 -29.04
CA ILE B 131 30.38 14.09 -29.17
C ILE B 131 31.16 12.86 -28.80
N ASP B 132 32.44 12.79 -29.18
CA ASP B 132 33.27 11.65 -28.82
C ASP B 132 33.57 11.63 -27.32
N VAL B 133 33.84 12.79 -26.76
CA VAL B 133 34.15 12.88 -25.31
C VAL B 133 32.96 12.39 -24.46
N ASN B 134 31.78 12.91 -24.81
CA ASN B 134 30.54 12.54 -24.12
C ASN B 134 30.12 11.09 -24.28
N TYR B 135 30.28 10.53 -25.47
CA TYR B 135 30.11 9.10 -25.64
C TYR B 135 30.97 8.37 -24.62
N GLU B 136 32.25 8.72 -24.50
CA GLU B 136 33.18 7.96 -23.62
C GLU B 136 32.71 8.00 -22.15
N LYS B 137 32.19 9.14 -21.75
CA LYS B 137 31.66 9.34 -20.42
C LYS B 137 30.50 8.42 -20.06
N LEU B 138 29.77 7.92 -21.05
CA LEU B 138 28.71 6.93 -20.79
C LEU B 138 29.17 5.55 -20.39
N LYS B 139 30.42 5.22 -20.71
CA LYS B 139 31.02 3.90 -20.40
C LYS B 139 30.12 2.77 -20.87
N THR B 140 29.61 2.91 -22.10
CA THR B 140 28.61 2.04 -22.67
C THR B 140 28.96 1.88 -24.15
N ASP B 141 29.11 0.65 -24.61
CA ASP B 141 29.22 0.41 -26.05
C ASP B 141 27.81 0.53 -26.67
N ILE B 142 27.63 1.38 -27.68
CA ILE B 142 26.32 1.60 -28.31
C ILE B 142 26.49 1.28 -29.78
N LYS B 143 25.78 0.28 -30.24
CA LYS B 143 25.74 -0.07 -31.67
C LYS B 143 24.33 0.09 -32.22
N VAL B 144 24.24 0.44 -33.49
CA VAL B 144 22.96 0.48 -34.18
C VAL B 144 22.63 -0.91 -34.66
N VAL B 145 21.45 -1.39 -34.33
CA VAL B 145 20.95 -2.68 -34.82
C VAL B 145 20.43 -2.48 -36.24
N ASP B 146 20.70 -3.44 -37.12
CA ASP B 146 20.32 -3.32 -38.55
C ASP B 146 18.81 -3.46 -38.65
N ARG B 147 18.14 -2.50 -39.30
CA ARG B 147 16.68 -2.51 -39.43
C ARG B 147 16.23 -3.86 -39.91
N ASP B 148 17.05 -4.47 -40.76
CA ASP B 148 16.60 -5.68 -41.44
C ASP B 148 16.86 -6.98 -40.71
N SER B 149 17.47 -6.89 -39.53
CA SER B 149 17.86 -8.09 -38.78
C SER B 149 16.70 -8.69 -38.03
N GLU B 150 16.95 -9.92 -37.62
CA GLU B 150 15.97 -10.73 -36.96
C GLU B 150 15.59 -10.10 -35.60
N GLU B 151 16.59 -9.64 -34.87
CA GLU B 151 16.34 -8.94 -33.62
C GLU B 151 15.54 -7.62 -33.82
N ALA B 152 15.79 -6.89 -34.91
CA ALA B 152 14.98 -5.67 -35.20
C ALA B 152 13.51 -6.03 -35.50
N GLU B 153 13.29 -7.16 -36.15
CA GLU B 153 11.93 -7.60 -36.51
C GLU B 153 11.16 -7.96 -35.25
N ILE B 154 11.80 -8.60 -34.31
CA ILE B 154 11.17 -8.99 -33.03
C ILE B 154 10.76 -7.78 -32.18
N ILE B 155 11.72 -6.88 -32.03
CA ILE B 155 11.54 -5.64 -31.29
C ILE B 155 10.40 -4.86 -31.94
N ARG B 156 10.36 -4.77 -33.25
CA ARG B 156 9.28 -4.00 -33.92
C ARG B 156 7.91 -4.60 -33.65
N LYS B 157 7.90 -5.93 -33.64
CA LYS B 157 6.72 -6.73 -33.34
C LYS B 157 6.26 -6.54 -31.90
N TYR B 158 7.20 -6.48 -30.96
CA TYR B 158 6.89 -6.21 -29.53
C TYR B 158 6.21 -4.84 -29.47
N VAL B 159 6.77 -3.84 -30.17
CA VAL B 159 6.23 -2.50 -30.16
C VAL B 159 4.85 -2.54 -30.80
N LYS B 160 4.75 -3.22 -31.95
CA LYS B 160 3.51 -3.21 -32.75
C LYS B 160 2.33 -3.82 -31.98
N ASN B 161 2.59 -4.86 -31.18
CA ASN B 161 1.51 -5.67 -30.57
C ASN B 161 1.10 -5.30 -29.16
N THR B 162 1.92 -4.49 -28.49
CA THR B 162 1.70 -4.22 -27.11
C THR B 162 1.40 -2.78 -26.80
N HIS B 163 0.82 -2.06 -27.79
CA HIS B 163 0.31 -0.77 -27.54
C HIS B 163 -1.13 -0.87 -27.09
N ALA B 164 -1.36 -0.57 -25.81
CA ALA B 164 -2.71 -0.57 -25.19
C ALA B 164 -3.72 0.30 -25.86
N THR B 165 -4.92 -0.27 -26.12
CA THR B 165 -6.00 0.51 -26.71
C THR B 165 -6.36 1.75 -25.91
N THR B 166 -6.33 1.66 -24.57
CA THR B 166 -6.59 2.82 -23.68
C THR B 166 -5.53 3.94 -23.78
N HIS B 167 -4.35 3.63 -24.28
CA HIS B 167 -3.26 4.58 -24.43
C HIS B 167 -3.28 5.19 -25.84
N ASN B 168 -4.42 5.74 -26.20
CA ASN B 168 -4.63 6.20 -27.55
C ASN B 168 -4.43 7.71 -27.67
N ALA B 169 -3.65 8.31 -26.77
CA ALA B 169 -3.24 9.68 -26.97
C ALA B 169 -2.19 9.78 -28.13
N TYR B 170 -1.64 8.66 -28.62
CA TYR B 170 -0.53 8.69 -29.58
C TYR B 170 -0.30 7.31 -30.16
N ASP B 171 0.39 7.24 -31.28
CA ASP B 171 1.04 5.97 -31.64
C ASP B 171 2.56 6.15 -31.76
N LEU B 172 3.26 5.04 -31.98
CA LEU B 172 4.70 4.96 -31.79
C LEU B 172 5.33 4.50 -33.07
N GLU B 173 6.46 5.09 -33.47
CA GLU B 173 7.20 4.60 -34.64
C GLU B 173 8.60 4.38 -34.14
N VAL B 174 9.20 3.26 -34.46
CA VAL B 174 10.56 3.11 -34.07
C VAL B 174 11.49 3.86 -35.00
N ILE B 175 12.32 4.75 -34.49
CA ILE B 175 13.33 5.45 -35.28
C ILE B 175 14.65 4.68 -35.38
N ASP B 176 15.28 4.41 -34.24
CA ASP B 176 16.55 3.71 -34.17
C ASP B 176 16.47 2.68 -33.02
N ILE B 177 17.08 1.52 -33.23
CA ILE B 177 17.24 0.49 -32.19
C ILE B 177 18.73 0.40 -31.98
N PHE B 178 19.17 0.57 -30.75
CA PHE B 178 20.58 0.49 -30.37
C PHE B 178 20.76 -0.73 -29.47
N LYS B 179 21.85 -1.45 -29.68
CA LYS B 179 22.24 -2.56 -28.78
C LYS B 179 23.27 -1.98 -27.82
N ILE B 180 23.02 -2.14 -26.54
CA ILE B 180 23.84 -1.43 -25.52
C ILE B 180 24.49 -2.39 -24.54
N GLU B 181 25.72 -2.10 -24.17
CA GLU B 181 26.43 -2.95 -23.24
C GLU B 181 27.12 -1.97 -22.31
N ARG B 182 26.51 -1.75 -21.16
CA ARG B 182 27.14 -0.96 -20.11
C ARG B 182 28.33 -1.68 -19.51
N GLU B 183 29.45 -0.98 -19.41
CA GLU B 183 30.67 -1.52 -18.88
C GLU B 183 30.41 -2.24 -17.55
N GLY B 184 30.78 -3.49 -17.44
CA GLY B 184 30.72 -4.20 -16.14
C GLY B 184 29.35 -4.76 -15.80
N GLU B 185 28.31 -4.51 -16.60
CA GLU B 185 26.98 -4.95 -16.18
C GLU B 185 26.75 -6.44 -16.44
N CYS B 186 27.34 -6.99 -17.51
CA CYS B 186 27.26 -8.45 -17.71
C CYS B 186 27.89 -9.20 -16.49
N GLN B 187 29.07 -8.77 -16.09
CA GLN B 187 29.74 -9.27 -14.86
C GLN B 187 28.80 -9.23 -13.63
N ARG B 188 28.09 -8.12 -13.46
CA ARG B 188 27.14 -7.94 -12.36
C ARG B 188 25.90 -8.85 -12.44
N TYR B 189 25.41 -9.07 -13.66
CA TYR B 189 24.26 -9.91 -13.93
C TYR B 189 24.58 -11.45 -13.76
N LYS B 190 25.85 -11.80 -13.74
CA LYS B 190 26.24 -13.24 -13.78
C LYS B 190 25.49 -14.14 -12.78
N PRO B 191 25.38 -13.71 -11.51
CA PRO B 191 24.72 -14.61 -10.56
C PRO B 191 23.24 -14.88 -10.89
N PHE B 192 22.64 -14.02 -11.70
CA PHE B 192 21.26 -14.17 -12.05
C PHE B 192 21.01 -14.71 -13.43
N LYS B 193 22.06 -14.98 -14.20
CA LYS B 193 21.87 -15.26 -15.63
C LYS B 193 21.18 -16.59 -15.90
N GLN B 194 21.27 -17.51 -14.94
CA GLN B 194 20.65 -18.83 -14.99
C GLN B 194 19.32 -18.89 -14.24
N LEU B 195 18.93 -17.80 -13.57
CA LEU B 195 17.71 -17.82 -12.80
C LEU B 195 16.58 -18.12 -13.77
N HIS B 196 15.56 -18.79 -13.27
CA HIS B 196 14.38 -19.00 -14.08
C HIS B 196 13.56 -17.70 -14.28
N ASN B 197 12.62 -17.76 -15.23
CA ASN B 197 11.71 -16.67 -15.50
C ASN B 197 12.49 -15.37 -15.78
N ARG B 198 13.31 -15.40 -16.80
CA ARG B 198 13.97 -14.21 -17.28
C ARG B 198 13.13 -13.67 -18.42
N ARG B 199 12.88 -12.36 -18.44
CA ARG B 199 11.91 -11.79 -19.39
C ARG B 199 12.48 -10.50 -20.01
N LEU B 200 12.14 -10.25 -21.28
CA LEU B 200 12.63 -9.03 -21.96
C LEU B 200 11.55 -7.99 -21.81
N LEU B 201 11.81 -7.01 -20.96
CA LEU B 201 10.80 -6.04 -20.54
C LEU B 201 11.20 -4.57 -20.79
N TRP B 202 10.16 -3.74 -20.94
CA TRP B 202 10.30 -2.33 -21.23
C TRP B 202 10.57 -1.51 -19.93
N HIS B 203 11.39 -0.47 -20.05
CA HIS B 203 11.45 0.61 -19.04
C HIS B 203 11.57 1.93 -19.81
N GLY B 204 10.59 2.80 -19.64
CA GLY B 204 10.59 4.16 -20.23
C GLY B 204 11.05 5.15 -19.16
N SER B 205 11.65 6.24 -19.60
CA SER B 205 12.17 7.29 -18.69
C SER B 205 12.29 8.55 -19.52
N ARG B 206 12.27 9.70 -18.87
CA ARG B 206 12.52 10.88 -19.72
C ARG B 206 13.94 10.91 -20.22
N THR B 207 14.07 11.55 -21.37
CA THR B 207 15.32 11.55 -22.08
C THR B 207 16.44 12.18 -21.25
N THR B 208 16.08 13.17 -20.42
CA THR B 208 17.10 13.78 -19.58
C THR B 208 17.64 12.84 -18.47
N ASN B 209 17.08 11.63 -18.30
CA ASN B 209 17.64 10.65 -17.35
C ASN B 209 18.64 9.73 -17.97
N PHE B 210 18.76 9.77 -19.30
CA PHE B 210 19.51 8.72 -19.98
C PHE B 210 21.01 8.80 -19.85
N ALA B 211 21.56 9.99 -19.62
CA ALA B 211 23.01 10.03 -19.38
C ALA B 211 23.31 9.30 -18.06
N GLY B 212 22.49 9.56 -17.06
CA GLY B 212 22.55 8.82 -15.80
C GLY B 212 22.23 7.34 -15.87
N ILE B 213 21.25 6.95 -16.70
CA ILE B 213 20.94 5.54 -16.76
C ILE B 213 22.05 4.73 -17.43
N LEU B 214 22.64 5.32 -18.45
CA LEU B 214 23.63 4.65 -19.20
C LEU B 214 24.92 4.62 -18.43
N SER B 215 25.30 5.71 -17.77
CA SER B 215 26.56 5.67 -16.97
C SER B 215 26.49 4.78 -15.72
N GLN B 216 25.34 4.71 -15.07
CA GLN B 216 25.22 4.09 -13.74
C GLN B 216 24.21 2.97 -13.68
N GLY B 217 23.48 2.74 -14.77
CA GLY B 217 22.38 1.74 -14.77
C GLY B 217 21.05 2.20 -14.21
N LEU B 218 20.06 1.35 -14.30
CA LEU B 218 18.82 1.60 -13.63
C LEU B 218 19.13 1.38 -12.15
N ARG B 219 18.65 2.29 -11.30
CA ARG B 219 18.97 2.29 -9.85
C ARG B 219 17.69 2.37 -9.05
N ILE B 220 17.79 1.95 -7.82
CA ILE B 220 16.70 2.07 -6.90
C ILE B 220 16.78 3.47 -6.27
N ALA B 221 15.65 4.06 -5.93
CA ALA B 221 15.64 5.30 -5.18
C ALA B 221 16.56 5.30 -3.97
N PRO B 222 17.19 6.45 -3.68
CA PRO B 222 18.15 6.44 -2.58
C PRO B 222 17.51 6.13 -1.20
N PRO B 223 18.35 5.85 -0.20
CA PRO B 223 17.79 5.44 1.10
C PRO B 223 16.96 6.54 1.71
N GLU B 224 17.29 7.81 1.43
CA GLU B 224 16.54 8.95 1.91
C GLU B 224 15.12 9.01 1.35
N ALA B 225 14.91 8.45 0.16
CA ALA B 225 13.57 8.50 -0.52
C ALA B 225 12.48 7.76 0.27
N PRO B 226 11.22 8.24 0.18
CA PRO B 226 10.07 7.61 0.88
C PRO B 226 9.66 6.36 0.19
N VAL B 227 9.67 5.25 0.91
CA VAL B 227 9.25 3.97 0.30
C VAL B 227 7.83 4.04 -0.23
N THR B 228 7.05 4.91 0.39
CA THR B 228 5.65 5.13 0.08
C THR B 228 5.47 6.00 -1.17
N GLY B 229 6.57 6.60 -1.69
CA GLY B 229 6.52 7.34 -2.94
C GLY B 229 6.34 6.53 -4.22
N TYR B 230 6.38 5.21 -4.13
CA TYR B 230 6.34 4.34 -5.29
C TYR B 230 5.36 3.21 -4.98
N MET B 231 4.54 2.80 -5.95
CA MET B 231 3.46 1.80 -5.74
C MET B 231 3.92 0.48 -5.08
N PHE B 232 5.07 -0.04 -5.50
CA PHE B 232 5.59 -1.27 -4.97
C PHE B 232 6.92 -0.99 -4.29
N GLY B 233 7.04 0.22 -3.74
CA GLY B 233 8.21 0.59 -3.02
C GLY B 233 9.44 0.74 -3.89
N LYS B 234 10.58 0.66 -3.25
CA LYS B 234 11.83 1.03 -3.81
C LYS B 234 12.52 -0.10 -4.58
N GLY B 235 12.08 -0.28 -5.81
CA GLY B 235 12.73 -1.23 -6.70
C GLY B 235 12.95 -0.63 -8.05
N ILE B 236 13.13 -1.49 -9.06
CA ILE B 236 13.23 -1.10 -10.49
C ILE B 236 12.03 -1.73 -11.24
N TYR B 237 11.33 -0.89 -12.01
CA TYR B 237 9.98 -1.16 -12.55
C TYR B 237 10.04 -1.39 -14.05
N PHE B 238 9.30 -2.37 -14.54
CA PHE B 238 9.25 -2.69 -15.95
C PHE B 238 7.80 -3.00 -16.33
N ALA B 239 7.51 -2.85 -17.62
CA ALA B 239 6.21 -3.21 -18.16
C ALA B 239 6.41 -4.25 -19.29
N ASP B 240 5.33 -4.99 -19.58
CA ASP B 240 5.27 -5.83 -20.77
C ASP B 240 4.45 -5.21 -21.88
N MET B 241 3.86 -4.05 -21.64
CA MET B 241 3.16 -3.26 -22.67
C MET B 241 3.97 -2.01 -22.97
N VAL B 242 4.40 -1.87 -24.24
CA VAL B 242 5.34 -0.81 -24.60
C VAL B 242 4.70 0.52 -24.24
N SER B 243 3.40 0.66 -24.45
CA SER B 243 2.72 1.93 -24.21
C SER B 243 2.68 2.33 -22.72
N LYS B 244 2.56 1.34 -21.84
CA LYS B 244 2.64 1.65 -20.38
C LYS B 244 4.03 2.21 -20.04
N SER B 245 5.11 1.58 -20.51
CA SER B 245 6.45 2.16 -20.28
C SER B 245 6.68 3.51 -21.04
N ALA B 246 6.13 3.61 -22.25
CA ALA B 246 6.31 4.84 -23.06
C ALA B 246 5.68 6.02 -22.42
N ASN B 247 4.58 5.79 -21.70
CA ASN B 247 3.97 6.87 -20.94
C ASN B 247 4.95 7.55 -19.97
N TYR B 248 5.86 6.77 -19.37
CA TYR B 248 6.89 7.30 -18.45
C TYR B 248 8.04 8.06 -19.09
N CYS B 249 8.07 8.10 -20.42
CA CYS B 249 8.93 8.97 -21.15
C CYS B 249 8.47 10.43 -20.98
N HIS B 250 7.16 10.63 -20.75
CA HIS B 250 6.59 11.96 -20.62
C HIS B 250 6.98 12.83 -21.81
N THR B 251 6.86 12.25 -22.98
CA THR B 251 6.97 13.01 -24.22
C THR B 251 5.71 13.87 -24.40
N SER B 252 5.79 14.84 -25.26
CA SER B 252 4.67 15.73 -25.47
C SER B 252 4.73 16.18 -26.94
N GLN B 253 3.68 16.82 -27.39
CA GLN B 253 3.72 17.35 -28.76
C GLN B 253 4.92 18.27 -29.00
N GLY B 254 5.36 18.97 -27.96
CA GLY B 254 6.54 19.85 -28.04
C GLY B 254 7.86 19.13 -28.20
N ASP B 255 8.05 17.99 -27.52
CA ASP B 255 9.19 17.07 -27.78
C ASP B 255 8.64 15.63 -27.86
N PRO B 256 8.30 15.23 -29.08
CA PRO B 256 7.60 13.97 -29.30
C PRO B 256 8.57 12.77 -29.48
N ILE B 257 9.85 12.91 -29.17
CA ILE B 257 10.78 11.79 -29.39
C ILE B 257 11.10 11.28 -28.00
N GLY B 258 11.04 9.98 -27.79
CA GLY B 258 11.38 9.43 -26.45
C GLY B 258 12.41 8.34 -26.60
N LEU B 259 12.94 7.90 -25.46
CA LEU B 259 13.84 6.79 -25.41
C LEU B 259 13.24 5.76 -24.44
N ILE B 260 13.32 4.48 -24.78
CA ILE B 260 12.78 3.42 -23.97
C ILE B 260 13.74 2.24 -24.05
N LEU B 261 14.01 1.62 -22.92
CA LEU B 261 14.94 0.46 -22.83
C LEU B 261 14.19 -0.85 -22.92
N LEU B 262 14.87 -1.86 -23.46
CA LEU B 262 14.51 -3.24 -23.30
C LEU B 262 15.66 -3.83 -22.44
N GLY B 263 15.26 -4.38 -21.30
CA GLY B 263 16.16 -5.04 -20.39
C GLY B 263 15.76 -6.48 -20.18
N GLU B 264 16.78 -7.32 -19.99
CA GLU B 264 16.59 -8.67 -19.52
C GLU B 264 16.46 -8.62 -18.02
N VAL B 265 15.30 -9.05 -17.51
CA VAL B 265 15.00 -8.93 -16.08
C VAL B 265 14.89 -10.36 -15.51
N ALA B 266 15.72 -10.66 -14.54
CA ALA B 266 15.66 -11.97 -13.81
C ALA B 266 14.59 -11.97 -12.74
N LEU B 267 13.42 -12.51 -13.09
CA LEU B 267 12.25 -12.36 -12.26
C LEU B 267 12.09 -13.51 -11.25
N GLY B 268 12.50 -14.73 -11.62
CA GLY B 268 12.40 -15.88 -10.71
C GLY B 268 11.01 -16.07 -10.16
N ASN B 269 10.90 -16.25 -8.85
CA ASN B 269 9.60 -16.40 -8.25
C ASN B 269 8.99 -15.04 -8.03
N MET B 270 7.85 -14.85 -8.62
CA MET B 270 7.11 -13.60 -8.57
C MET B 270 6.11 -13.62 -7.43
N TYR B 271 6.08 -12.53 -6.65
CA TYR B 271 5.07 -12.27 -5.67
C TYR B 271 3.95 -11.40 -6.28
N GLU B 272 2.82 -12.02 -6.57
CA GLU B 272 1.79 -11.42 -7.39
C GLU B 272 0.88 -10.63 -6.49
N LEU B 273 0.72 -9.35 -6.83
CA LEU B 273 0.00 -8.41 -6.04
C LEU B 273 -0.94 -7.66 -6.92
N LYS B 274 -2.09 -7.30 -6.38
CA LYS B 274 -3.06 -6.55 -7.10
C LYS B 274 -3.11 -5.12 -6.70
N HIS B 275 -2.52 -4.75 -5.55
CA HIS B 275 -2.65 -3.37 -5.03
C HIS B 275 -1.37 -2.94 -4.43
N ALA B 276 -1.27 -1.65 -4.10
CA ALA B 276 0.00 -1.06 -3.65
C ALA B 276 0.57 -1.84 -2.51
N SER B 277 1.88 -1.96 -2.50
CA SER B 277 2.55 -2.64 -1.39
C SER B 277 3.96 -2.05 -1.25
N HIS B 278 4.17 -1.21 -0.21
CA HIS B 278 5.38 -0.34 -0.13
C HIS B 278 6.50 -1.05 0.62
N ILE B 279 7.29 -1.78 -0.13
CA ILE B 279 8.31 -2.63 0.43
C ILE B 279 9.67 -2.18 -0.14
N SER B 280 10.74 -2.58 0.55
CA SER B 280 12.13 -2.35 0.10
C SER B 280 12.95 -3.64 -0.14
N LYS B 281 12.43 -4.78 0.34
CA LYS B 281 13.01 -6.12 0.12
C LYS B 281 11.87 -7.11 -0.01
N LEU B 282 12.20 -8.33 -0.39
CA LEU B 282 11.19 -9.32 -0.54
C LEU B 282 11.40 -10.43 0.47
N PRO B 283 10.39 -11.26 0.65
CA PRO B 283 10.64 -12.46 1.45
C PRO B 283 11.70 -13.35 0.80
N LYS B 284 12.54 -13.93 1.62
CA LYS B 284 13.28 -15.18 1.30
C LYS B 284 12.49 -16.06 0.26
N GLY B 285 13.05 -16.28 -0.93
CA GLY B 285 12.40 -17.13 -1.98
C GLY B 285 11.39 -16.51 -2.96
N LYS B 286 11.18 -15.19 -2.85
CA LYS B 286 10.59 -14.39 -3.91
C LYS B 286 11.68 -13.56 -4.51
N HIS B 287 11.72 -13.46 -5.84
CA HIS B 287 12.76 -12.67 -6.52
C HIS B 287 12.23 -11.36 -7.15
N SER B 288 10.91 -11.21 -7.29
CA SER B 288 10.31 -10.02 -7.83
C SER B 288 8.84 -9.87 -7.43
N VAL B 289 8.26 -8.75 -7.76
CA VAL B 289 6.83 -8.57 -7.69
C VAL B 289 6.31 -8.52 -9.11
N LYS B 290 5.16 -9.17 -9.29
CA LYS B 290 4.30 -8.95 -10.43
C LYS B 290 3.02 -8.26 -10.00
N GLY B 291 2.87 -7.07 -10.52
CA GLY B 291 1.65 -6.34 -10.34
C GLY B 291 0.72 -6.89 -11.39
N LEU B 292 -0.35 -7.53 -10.96
CA LEU B 292 -1.35 -8.14 -11.87
C LEU B 292 -2.29 -7.15 -12.56
N GLY B 293 -2.19 -7.00 -13.87
CA GLY B 293 -3.08 -6.11 -14.59
C GLY B 293 -4.30 -6.87 -15.11
N LYS B 294 -5.34 -6.15 -15.48
CA LYS B 294 -6.55 -6.75 -16.10
C LYS B 294 -6.32 -7.29 -17.50
N THR B 295 -5.38 -6.66 -18.22
CA THR B 295 -5.01 -7.03 -19.57
C THR B 295 -3.55 -7.46 -19.62
N THR B 296 -3.31 -8.57 -20.31
CA THR B 296 -1.96 -9.12 -20.46
C THR B 296 -1.67 -9.56 -21.90
N PRO B 297 -0.40 -9.42 -22.36
CA PRO B 297 -0.07 -10.03 -23.68
C PRO B 297 -0.40 -11.53 -23.73
N ASP B 298 -1.11 -11.96 -24.77
CA ASP B 298 -1.45 -13.38 -24.97
C ASP B 298 -0.23 -14.29 -24.76
N PRO B 299 -0.26 -15.16 -23.72
CA PRO B 299 0.91 -16.04 -23.43
C PRO B 299 1.22 -17.13 -24.45
N SER B 300 0.27 -17.50 -25.29
CA SER B 300 0.57 -18.42 -26.40
C SER B 300 1.41 -17.76 -27.52
N ALA B 301 1.42 -16.41 -27.58
CA ALA B 301 2.26 -15.67 -28.56
C ALA B 301 3.72 -15.40 -28.09
N ASN B 302 4.09 -15.87 -26.89
CA ASN B 302 5.46 -15.74 -26.37
C ASN B 302 6.50 -16.34 -27.26
N ILE B 303 7.58 -15.60 -27.50
CA ILE B 303 8.69 -15.97 -28.39
C ILE B 303 9.96 -15.98 -27.52
N SER B 304 11.05 -16.53 -28.00
CA SER B 304 12.31 -16.55 -27.22
C SER B 304 13.43 -15.91 -28.01
N LEU B 305 14.11 -14.89 -27.46
CA LEU B 305 15.25 -14.21 -28.11
C LEU B 305 16.47 -14.35 -27.21
N ASP B 306 17.54 -14.98 -27.72
CA ASP B 306 18.74 -15.29 -26.91
C ASP B 306 18.40 -15.93 -25.56
N GLY B 307 17.43 -16.85 -25.53
CA GLY B 307 17.08 -17.55 -24.29
C GLY B 307 16.20 -16.74 -23.34
N VAL B 308 15.71 -15.58 -23.77
CA VAL B 308 14.88 -14.73 -22.91
C VAL B 308 13.46 -14.68 -23.48
N ASP B 309 12.46 -14.85 -22.63
CA ASP B 309 11.03 -14.81 -23.08
C ASP B 309 10.60 -13.43 -23.50
N VAL B 310 10.10 -13.25 -24.71
CA VAL B 310 9.52 -11.96 -25.09
C VAL B 310 8.01 -12.03 -25.13
N PRO B 311 7.34 -11.29 -24.25
CA PRO B 311 5.89 -11.38 -24.17
C PRO B 311 5.25 -10.45 -25.19
N LEU B 312 5.32 -10.82 -26.46
CA LEU B 312 4.96 -9.86 -27.53
C LEU B 312 3.57 -10.13 -28.16
N GLY B 313 2.70 -10.86 -27.45
CA GLY B 313 1.32 -11.09 -27.91
C GLY B 313 0.40 -9.90 -27.71
N THR B 314 -0.64 -9.83 -28.51
CA THR B 314 -1.60 -8.73 -28.32
C THR B 314 -2.41 -8.95 -27.04
N GLY B 315 -2.96 -7.86 -26.55
CA GLY B 315 -3.53 -7.82 -25.21
C GLY B 315 -4.88 -8.52 -25.15
N ILE B 316 -5.04 -9.34 -24.12
CA ILE B 316 -6.29 -10.03 -23.83
C ILE B 316 -6.60 -9.85 -22.33
N SER B 317 -7.84 -10.07 -21.92
CA SER B 317 -8.10 -10.28 -20.49
C SER B 317 -7.17 -11.33 -19.79
N SER B 318 -6.65 -10.99 -18.59
CA SER B 318 -5.82 -11.93 -17.79
C SER B 318 -6.65 -12.91 -16.93
N GLY B 319 -7.90 -12.54 -16.67
CA GLY B 319 -8.77 -13.27 -15.75
C GLY B 319 -8.71 -12.83 -14.28
N VAL B 320 -7.99 -11.74 -13.98
CA VAL B 320 -7.88 -11.20 -12.63
C VAL B 320 -8.90 -10.08 -12.45
N ASN B 321 -9.51 -10.04 -11.26
CA ASN B 321 -10.80 -9.35 -11.03
C ASN B 321 -10.62 -8.00 -10.30
N ASP B 322 -10.31 -8.06 -8.99
CA ASP B 322 -10.24 -6.87 -8.13
C ASP B 322 -8.79 -6.46 -8.20
N THR B 323 -8.48 -5.52 -9.10
CA THR B 323 -7.10 -5.05 -9.26
C THR B 323 -7.02 -3.56 -9.48
N SER B 324 -5.98 -2.98 -8.88
CA SER B 324 -5.71 -1.57 -9.03
C SER B 324 -5.01 -1.24 -10.39
N LEU B 325 -4.62 -2.26 -11.17
CA LEU B 325 -3.75 -2.10 -12.36
C LEU B 325 -4.47 -2.49 -13.68
N LEU B 326 -4.39 -1.63 -14.69
CA LEU B 326 -4.93 -1.97 -15.99
C LEU B 326 -4.03 -3.02 -16.64
N TYR B 327 -2.70 -2.87 -16.51
CA TYR B 327 -1.71 -3.74 -17.16
C TYR B 327 -0.65 -4.20 -16.13
N ASN B 328 0.09 -5.25 -16.45
CA ASN B 328 1.07 -5.75 -15.54
C ASN B 328 2.18 -4.72 -15.30
N GLU B 329 2.86 -4.94 -14.20
CA GLU B 329 4.19 -4.39 -14.05
C GLU B 329 5.02 -5.34 -13.25
N TYR B 330 6.33 -5.18 -13.36
CA TYR B 330 7.32 -6.07 -12.79
C TYR B 330 8.35 -5.26 -12.04
N ILE B 331 8.71 -5.72 -10.85
CA ILE B 331 9.60 -4.92 -10.01
C ILE B 331 10.60 -5.85 -9.41
N VAL B 332 11.87 -5.45 -9.46
CA VAL B 332 12.95 -6.13 -8.77
C VAL B 332 13.63 -5.20 -7.75
N TYR B 333 14.19 -5.81 -6.70
CA TYR B 333 14.71 -5.04 -5.55
C TYR B 333 16.20 -5.21 -5.38
N ASP B 334 16.88 -5.58 -6.46
CA ASP B 334 18.35 -5.71 -6.45
C ASP B 334 18.78 -5.28 -7.88
N ILE B 335 19.68 -4.31 -7.95
CA ILE B 335 20.07 -3.73 -9.23
C ILE B 335 20.72 -4.75 -10.19
N ALA B 336 21.32 -5.78 -9.60
CA ALA B 336 21.98 -6.83 -10.33
C ALA B 336 21.02 -7.74 -11.05
N GLN B 337 19.72 -7.66 -10.82
CA GLN B 337 18.83 -8.55 -11.51
C GLN B 337 18.47 -8.03 -12.93
N VAL B 338 19.10 -6.94 -13.31
CA VAL B 338 18.81 -6.26 -14.56
C VAL B 338 20.05 -6.21 -15.45
N ASN B 339 19.84 -6.56 -16.72
CA ASN B 339 20.91 -6.46 -17.76
C ASN B 339 20.29 -5.75 -18.99
N LEU B 340 20.73 -4.51 -19.20
CA LEU B 340 20.15 -3.65 -20.28
C LEU B 340 20.66 -4.18 -21.61
N LYS B 341 19.73 -4.38 -22.56
CA LYS B 341 20.06 -5.00 -23.86
C LYS B 341 19.91 -4.04 -25.05
N TYR B 342 18.78 -3.33 -25.11
CA TYR B 342 18.56 -2.38 -26.19
C TYR B 342 18.03 -1.04 -25.72
N LEU B 343 18.30 -0.01 -26.51
CA LEU B 343 17.67 1.31 -26.29
C LEU B 343 16.95 1.77 -27.61
N LEU B 344 15.64 2.05 -27.57
CA LEU B 344 14.90 2.46 -28.74
C LEU B 344 14.73 3.96 -28.69
N LYS B 345 14.95 4.61 -29.81
CA LYS B 345 14.48 5.98 -30.03
C LYS B 345 13.16 5.88 -30.76
N LEU B 346 12.08 6.39 -30.15
CA LEU B 346 10.75 6.34 -30.69
C LEU B 346 10.18 7.72 -30.95
N LYS B 347 9.43 7.81 -32.03
CA LYS B 347 8.60 8.96 -32.33
C LYS B 347 7.20 8.72 -31.86
N PHE B 348 6.69 9.65 -31.05
CA PHE B 348 5.28 9.62 -30.61
C PHE B 348 4.48 10.59 -31.52
N ASN B 349 3.48 10.04 -32.21
CA ASN B 349 2.62 10.77 -33.11
C ASN B 349 1.26 10.86 -32.38
N PHE B 350 1.01 12.06 -31.86
CA PHE B 350 -0.14 12.37 -31.02
C PHE B 350 -1.33 12.56 -31.91
N LYS B 351 -2.47 11.97 -31.54
CA LYS B 351 -3.65 11.98 -32.42
C LYS B 351 -4.59 13.17 -32.21
N THR B 352 -4.56 13.79 -31.04
CA THR B 352 -5.14 15.17 -30.91
C THR B 352 -4.67 16.15 -32.04
#